data_3D1G
#
_entry.id   3D1G
#
_cell.length_a   35.720
_cell.length_b   79.395
_cell.length_c   80.505
_cell.angle_alpha   110.24
_cell.angle_beta   100.58
_cell.angle_gamma   99.46
#
_symmetry.space_group_name_H-M   'P 1'
#
loop_
_entity.id
_entity.type
_entity.pdbx_description
1 polymer 'DNA polymerase III subunit beta'
2 non-polymer '[(5R)-5-(2,3-dibromo-5-ethoxy-4-hydroxybenzyl)-4-oxo-2-thioxo-1,3-thiazolidin-3-yl]acetic acid'
3 water water
#
_entity_poly.entity_id   1
_entity_poly.type   'polypeptide(L)'
_entity_poly.pdbx_seq_one_letter_code
;MKFTVEREHLLKPLQQVSGPLGGRPTLPILGNLLLQVADGTLSLTGTDLEMEMVARVALVQPHEPGATTVPARKFFDICR
GLPEGAEIAVQLEGERMLVRSGRSRFSLSTLPAADFPNLDDWQSEVEFTLPQATMKRLIEATQFSMAHQDVRYYLNGMLF
ETEGEELRTVATDGHRLAVCSMPIGQSLPSHSVIVPRKGVIELMRMLDGGDNPLRVQIGSNNIRAHVGDFIFTSKLVDGR
FPDYRRVLPKNPDKHLEAGCDLLKQAFARAAILSNEKFRGVRLYVSENQLKITANNPEQEEAEEILDVTYSGAEMEIGFN
VSYVLDVLNALKCENVRMMLTDSVSSVQIEDAASQSAAYVVMPMRL
;
_entity_poly.pdbx_strand_id   A,B
#
# COMPACT_ATOMS: atom_id res chain seq x y z
N MET A 1 4.61 40.05 -3.33
CA MET A 1 5.22 38.90 -2.61
C MET A 1 6.28 38.24 -3.48
N LYS A 2 7.47 38.08 -2.93
CA LYS A 2 8.57 37.47 -3.65
C LYS A 2 9.57 36.78 -2.72
N PHE A 3 10.04 35.61 -3.13
CA PHE A 3 11.01 34.87 -2.34
C PHE A 3 11.70 33.79 -3.17
N THR A 4 12.90 33.43 -2.76
CA THR A 4 13.67 32.39 -3.42
C THR A 4 14.25 31.49 -2.34
N VAL A 5 13.88 30.22 -2.37
CA VAL A 5 14.35 29.28 -1.37
C VAL A 5 14.79 27.97 -2.01
N GLU A 6 15.72 27.29 -1.34
CA GLU A 6 16.23 26.02 -1.81
C GLU A 6 15.12 24.98 -1.66
N ARG A 7 14.93 24.18 -2.70
CA ARG A 7 13.90 23.14 -2.71
C ARG A 7 13.85 22.33 -1.41
N GLU A 8 15.01 21.85 -0.97
CA GLU A 8 15.07 21.04 0.24
C GLU A 8 14.52 21.76 1.47
N HIS A 9 14.55 23.09 1.47
CA HIS A 9 14.04 23.87 2.60
C HIS A 9 12.52 24.00 2.56
N LEU A 10 11.91 23.63 1.44
CA LEU A 10 10.47 23.72 1.28
C LEU A 10 9.75 22.38 1.38
N LEU A 11 10.45 21.29 1.08
CA LEU A 11 9.84 19.98 1.10
C LEU A 11 9.15 19.58 2.41
N LYS A 12 9.88 19.60 3.52
CA LYS A 12 9.31 19.23 4.81
C LYS A 12 8.12 20.13 5.14
N PRO A 13 8.30 21.46 5.05
CA PRO A 13 7.21 22.39 5.34
C PRO A 13 5.96 22.08 4.50
N LEU A 14 6.16 21.94 3.20
CA LEU A 14 5.04 21.65 2.29
C LEU A 14 4.35 20.34 2.63
N GLN A 15 5.14 19.35 3.02
CA GLN A 15 4.60 18.05 3.38
C GLN A 15 3.74 18.15 4.65
N GLN A 16 4.22 18.90 5.63
CA GLN A 16 3.48 19.05 6.88
C GLN A 16 2.20 19.86 6.79
N VAL A 17 2.16 20.87 5.94
CA VAL A 17 0.96 21.70 5.82
C VAL A 17 -0.08 21.15 4.86
N SER A 18 0.28 20.13 4.08
CA SER A 18 -0.66 19.55 3.14
C SER A 18 -1.57 18.54 3.86
N GLY A 19 -1.17 18.17 5.08
CA GLY A 19 -1.93 17.23 5.87
C GLY A 19 -3.39 17.59 6.12
N PRO A 20 -3.69 18.83 6.55
CA PRO A 20 -5.06 19.25 6.81
C PRO A 20 -6.01 18.92 5.65
N LEU A 21 -5.46 18.86 4.44
CA LEU A 21 -6.24 18.55 3.26
C LEU A 21 -6.47 17.04 3.16
N GLY A 22 -7.09 16.60 2.07
CA GLY A 22 -7.35 15.19 1.88
C GLY A 22 -8.83 14.89 1.97
N GLY A 23 -9.51 15.58 2.87
CA GLY A 23 -10.95 15.38 3.03
C GLY A 23 -11.69 15.88 1.82
N ARG A 24 -13.00 16.08 1.96
CA ARG A 24 -13.84 16.56 0.87
C ARG A 24 -13.79 18.09 0.78
N PRO A 25 -13.01 18.62 -0.17
CA PRO A 25 -12.88 20.07 -0.35
C PRO A 25 -14.06 20.71 -1.08
N THR A 26 -15.19 20.83 -0.37
CA THR A 26 -16.38 21.44 -0.97
C THR A 26 -16.05 22.89 -1.35
N LEU A 27 -15.25 23.54 -0.51
CA LEU A 27 -14.84 24.92 -0.76
C LEU A 27 -13.48 24.87 -1.45
N PRO A 28 -13.36 25.54 -2.61
CA PRO A 28 -12.09 25.55 -3.35
C PRO A 28 -10.87 26.04 -2.58
N ILE A 29 -11.04 27.12 -1.82
CA ILE A 29 -9.92 27.68 -1.08
C ILE A 29 -9.26 26.72 -0.10
N LEU A 30 -10.01 25.72 0.39
CA LEU A 30 -9.45 24.74 1.32
C LEU A 30 -8.46 23.83 0.62
N GLY A 31 -8.48 23.85 -0.71
CA GLY A 31 -7.58 23.04 -1.49
C GLY A 31 -6.28 23.81 -1.73
N ASN A 32 -6.26 25.06 -1.28
CA ASN A 32 -5.08 25.90 -1.43
C ASN A 32 -4.25 26.04 -0.17
N LEU A 33 -3.01 26.46 -0.36
CA LEU A 33 -2.11 26.69 0.76
C LEU A 33 -1.96 28.21 0.82
N LEU A 34 -1.95 28.75 2.03
CA LEU A 34 -1.76 30.18 2.23
C LEU A 34 -0.26 30.44 2.37
N LEU A 35 0.27 31.34 1.54
CA LEU A 35 1.68 31.69 1.58
C LEU A 35 1.78 33.15 2.00
N GLN A 36 2.55 33.43 3.04
CA GLN A 36 2.71 34.80 3.51
C GLN A 36 4.17 35.13 3.73
N VAL A 37 4.61 36.25 3.18
CA VAL A 37 5.98 36.68 3.37
C VAL A 37 5.94 37.92 4.25
N ALA A 38 6.65 37.88 5.38
CA ALA A 38 6.67 39.02 6.29
C ALA A 38 7.80 38.91 7.28
N ASP A 39 8.49 40.03 7.51
CA ASP A 39 9.60 40.07 8.47
C ASP A 39 10.68 39.04 8.19
N GLY A 40 11.00 38.84 6.91
CA GLY A 40 12.03 37.89 6.53
C GLY A 40 11.71 36.42 6.74
N THR A 41 10.42 36.10 6.81
CA THR A 41 9.99 34.72 7.00
C THR A 41 8.82 34.34 6.08
N LEU A 42 8.88 33.13 5.55
CA LEU A 42 7.80 32.62 4.70
C LEU A 42 6.94 31.71 5.58
N SER A 43 5.63 31.97 5.63
CA SER A 43 4.74 31.13 6.42
C SER A 43 3.83 30.38 5.45
N LEU A 44 3.66 29.09 5.69
CA LEU A 44 2.80 28.27 4.85
C LEU A 44 1.71 27.69 5.74
N THR A 45 0.46 27.86 5.33
CA THR A 45 -0.65 27.36 6.13
C THR A 45 -1.63 26.50 5.35
N GLY A 46 -2.04 25.40 5.97
CA GLY A 46 -3.03 24.51 5.39
C GLY A 46 -4.13 24.33 6.41
N THR A 47 -5.38 24.22 5.96
CA THR A 47 -6.50 24.05 6.91
C THR A 47 -7.69 23.32 6.30
N ASP A 48 -8.54 22.77 7.16
CA ASP A 48 -9.75 22.09 6.70
C ASP A 48 -10.91 22.60 7.56
N LEU A 49 -10.64 23.70 8.25
CA LEU A 49 -11.57 24.37 9.16
C LEU A 49 -11.59 23.81 10.57
N GLU A 50 -11.34 22.51 10.73
CA GLU A 50 -11.33 21.92 12.08
C GLU A 50 -9.93 22.02 12.67
N MET A 51 -8.93 22.11 11.81
CA MET A 51 -7.55 22.21 12.26
C MET A 51 -6.68 22.88 11.22
N GLU A 52 -5.52 23.38 11.65
CA GLU A 52 -4.62 24.03 10.72
C GLU A 52 -3.19 23.70 11.07
N MET A 53 -2.33 23.75 10.07
CA MET A 53 -0.90 23.49 10.25
C MET A 53 -0.17 24.67 9.63
N VAL A 54 0.74 25.25 10.41
CA VAL A 54 1.52 26.39 9.94
C VAL A 54 3.01 26.09 10.03
N ALA A 55 3.73 26.37 8.95
CA ALA A 55 5.17 26.14 8.90
C ALA A 55 5.86 27.45 8.54
N ARG A 56 6.93 27.77 9.26
CA ARG A 56 7.67 29.00 9.00
C ARG A 56 9.05 28.64 8.45
N VAL A 57 9.44 29.33 7.37
CA VAL A 57 10.74 29.10 6.74
C VAL A 57 11.50 30.43 6.68
N ALA A 58 12.67 30.47 7.30
CA ALA A 58 13.48 31.68 7.30
C ALA A 58 14.00 31.91 5.88
N LEU A 59 13.98 33.17 5.47
CA LEU A 59 14.45 33.54 4.14
C LEU A 59 15.82 34.19 4.21
N VAL A 60 16.85 33.46 3.77
CA VAL A 60 18.22 33.95 3.79
C VAL A 60 18.58 34.64 2.48
N GLN A 61 17.64 34.59 1.53
CA GLN A 61 17.83 35.20 0.22
C GLN A 61 16.85 36.36 0.07
N PRO A 62 17.11 37.28 -0.88
CA PRO A 62 16.26 38.44 -1.16
C PRO A 62 14.76 38.12 -1.20
N HIS A 63 13.94 39.01 -0.64
CA HIS A 63 12.50 38.78 -0.62
C HIS A 63 11.66 40.05 -0.47
N GLU A 64 10.36 39.91 -0.77
CA GLU A 64 9.41 41.02 -0.68
C GLU A 64 8.14 40.52 0.01
N PRO A 65 7.56 41.32 0.93
CA PRO A 65 6.35 40.91 1.64
C PRO A 65 5.06 40.86 0.82
N GLY A 66 4.11 40.07 1.31
CA GLY A 66 2.83 39.93 0.64
C GLY A 66 2.27 38.54 0.88
N ALA A 67 1.07 38.29 0.38
CA ALA A 67 0.43 36.99 0.56
C ALA A 67 -0.51 36.63 -0.57
N THR A 68 -0.83 35.35 -0.65
CA THR A 68 -1.73 34.82 -1.66
C THR A 68 -1.93 33.35 -1.31
N THR A 69 -2.77 32.67 -2.05
CA THR A 69 -2.99 31.25 -1.83
C THR A 69 -2.95 30.56 -3.20
N VAL A 70 -2.42 29.35 -3.23
CA VAL A 70 -2.31 28.59 -4.47
C VAL A 70 -2.65 27.13 -4.22
N PRO A 71 -3.02 26.38 -5.27
CA PRO A 71 -3.37 24.96 -5.14
C PRO A 71 -2.24 24.21 -4.44
N ALA A 72 -2.58 23.62 -3.29
CA ALA A 72 -1.61 22.89 -2.48
C ALA A 72 -0.87 21.76 -3.17
N ARG A 73 -1.62 20.77 -3.64
CA ARG A 73 -1.04 19.61 -4.30
C ARG A 73 -0.18 19.95 -5.52
N LYS A 74 -0.67 20.86 -6.35
CA LYS A 74 0.09 21.25 -7.53
C LYS A 74 1.40 21.93 -7.16
N PHE A 75 1.34 22.86 -6.20
CA PHE A 75 2.55 23.56 -5.80
C PHE A 75 3.55 22.59 -5.20
N PHE A 76 3.07 21.72 -4.33
CA PHE A 76 3.92 20.71 -3.68
C PHE A 76 4.56 19.81 -4.75
N ASP A 77 3.75 19.31 -5.67
CA ASP A 77 4.24 18.42 -6.72
C ASP A 77 5.27 19.10 -7.62
N ILE A 78 5.09 20.39 -7.90
CA ILE A 78 6.03 21.13 -8.74
C ILE A 78 7.37 21.22 -8.01
N CYS A 79 7.33 21.60 -6.74
CA CYS A 79 8.55 21.73 -5.95
C CYS A 79 9.28 20.40 -5.81
N ARG A 80 8.54 19.35 -5.52
CA ARG A 80 9.13 18.02 -5.34
C ARG A 80 9.66 17.49 -6.67
N GLY A 81 9.01 17.89 -7.76
CA GLY A 81 9.40 17.44 -9.08
C GLY A 81 10.68 18.04 -9.62
N LEU A 82 11.08 19.19 -9.07
CA LEU A 82 12.31 19.84 -9.50
C LEU A 82 13.50 19.01 -9.00
N PRO A 83 14.67 19.16 -9.64
CA PRO A 83 15.85 18.41 -9.23
C PRO A 83 16.41 18.78 -7.86
N GLU A 84 17.13 17.84 -7.25
CA GLU A 84 17.74 18.05 -5.95
C GLU A 84 18.65 19.28 -6.01
N GLY A 85 18.55 20.13 -4.99
CA GLY A 85 19.37 21.34 -4.95
C GLY A 85 18.84 22.53 -5.74
N ALA A 86 17.68 22.38 -6.37
CA ALA A 86 17.10 23.46 -7.15
C ALA A 86 16.71 24.69 -6.33
N GLU A 87 16.92 25.87 -6.91
CA GLU A 87 16.54 27.13 -6.26
C GLU A 87 15.18 27.49 -6.83
N ILE A 88 14.19 27.65 -5.96
CA ILE A 88 12.85 27.95 -6.40
C ILE A 88 12.47 29.41 -6.19
N ALA A 89 12.31 30.13 -7.30
CA ALA A 89 11.95 31.55 -7.27
C ALA A 89 10.46 31.69 -7.46
N VAL A 90 9.82 32.39 -6.52
CA VAL A 90 8.38 32.59 -6.54
C VAL A 90 8.02 34.08 -6.51
N GLN A 91 7.09 34.48 -7.36
CA GLN A 91 6.66 35.87 -7.39
C GLN A 91 5.19 35.95 -7.77
N LEU A 92 4.46 36.86 -7.13
CA LEU A 92 3.05 37.04 -7.39
C LEU A 92 2.87 38.07 -8.51
N GLU A 93 2.35 37.62 -9.65
CA GLU A 93 2.11 38.50 -10.78
C GLU A 93 0.63 38.58 -11.10
N GLY A 94 -0.02 39.64 -10.61
CA GLY A 94 -1.43 39.80 -10.86
C GLY A 94 -2.24 38.72 -10.16
N GLU A 95 -3.02 37.97 -10.93
CA GLU A 95 -3.84 36.90 -10.39
C GLU A 95 -3.20 35.51 -10.48
N ARG A 96 -1.92 35.48 -10.82
CA ARG A 96 -1.19 34.22 -10.95
C ARG A 96 0.07 34.24 -10.10
N MET A 97 0.53 33.07 -9.68
CA MET A 97 1.75 32.99 -8.92
C MET A 97 2.76 32.26 -9.79
N LEU A 98 3.91 32.88 -10.01
CA LEU A 98 4.95 32.30 -10.85
C LEU A 98 5.99 31.54 -10.04
N VAL A 99 6.35 30.37 -10.54
CA VAL A 99 7.36 29.53 -9.89
C VAL A 99 8.39 29.24 -10.97
N ARG A 100 9.61 29.70 -10.77
CA ARG A 100 10.66 29.51 -11.75
C ARG A 100 11.89 28.87 -11.13
N SER A 101 12.51 27.96 -11.88
CA SER A 101 13.71 27.28 -11.42
C SER A 101 14.42 26.73 -12.65
N GLY A 102 15.69 27.07 -12.81
CA GLY A 102 16.41 26.60 -13.99
C GLY A 102 15.61 27.07 -15.19
N ARG A 103 15.33 26.15 -16.12
CA ARG A 103 14.54 26.50 -17.30
C ARG A 103 13.14 25.90 -17.19
N SER A 104 12.62 25.86 -15.97
CA SER A 104 11.28 25.34 -15.71
C SER A 104 10.44 26.51 -15.20
N ARG A 105 9.30 26.77 -15.83
CA ARG A 105 8.44 27.87 -15.42
C ARG A 105 6.99 27.43 -15.24
N PHE A 106 6.36 27.89 -14.17
CA PHE A 106 4.98 27.53 -13.88
C PHE A 106 4.16 28.73 -13.49
N SER A 107 2.92 28.78 -13.96
CA SER A 107 2.00 29.87 -13.63
C SER A 107 0.77 29.23 -12.98
N LEU A 108 0.61 29.46 -11.68
CA LEU A 108 -0.51 28.88 -10.93
C LEU A 108 -1.61 29.89 -10.62
N SER A 109 -2.84 29.38 -10.60
CA SER A 109 -3.99 30.23 -10.29
C SER A 109 -3.96 30.53 -8.80
N THR A 110 -4.60 31.62 -8.40
CA THR A 110 -4.62 32.01 -7.00
C THR A 110 -6.01 32.40 -6.52
N LEU A 111 -6.13 32.46 -5.20
CA LEU A 111 -7.35 32.88 -4.53
C LEU A 111 -6.84 33.85 -3.47
N PRO A 112 -7.56 34.96 -3.24
CA PRO A 112 -7.15 35.97 -2.25
C PRO A 112 -6.82 35.45 -0.85
N ALA A 113 -5.65 35.84 -0.37
CA ALA A 113 -5.20 35.44 0.96
C ALA A 113 -6.19 36.00 1.98
N ALA A 114 -6.83 37.11 1.62
CA ALA A 114 -7.80 37.74 2.50
C ALA A 114 -9.05 36.89 2.65
N ASP A 115 -9.21 35.88 1.79
CA ASP A 115 -10.37 35.00 1.87
C ASP A 115 -10.04 33.67 2.55
N PHE A 116 -8.76 33.46 2.85
CA PHE A 116 -8.35 32.20 3.49
C PHE A 116 -8.92 32.11 4.90
N PRO A 117 -9.53 30.96 5.25
CA PRO A 117 -10.10 30.77 6.58
C PRO A 117 -9.10 31.17 7.66
N ASN A 118 -9.51 32.07 8.54
CA ASN A 118 -8.64 32.53 9.61
C ASN A 118 -9.18 32.11 10.97
N LEU A 119 -8.70 30.98 11.47
CA LEU A 119 -9.12 30.45 12.77
C LEU A 119 -8.93 31.52 13.85
N ASP A 120 -10.01 31.88 14.53
CA ASP A 120 -9.97 32.90 15.57
C ASP A 120 -8.97 32.61 16.69
N ASP A 121 -8.42 33.68 17.28
CA ASP A 121 -7.47 33.53 18.37
C ASP A 121 -8.21 33.04 19.61
N TRP A 122 -7.51 32.35 20.49
CA TRP A 122 -8.09 31.86 21.74
C TRP A 122 -7.02 31.92 22.82
N GLN A 123 -7.42 31.70 24.07
CA GLN A 123 -6.47 31.75 25.17
C GLN A 123 -6.18 30.37 25.75
N SER A 124 -4.90 30.06 25.95
CA SER A 124 -4.53 28.77 26.51
C SER A 124 -4.80 28.80 28.02
N GLU A 125 -5.26 27.68 28.55
CA GLU A 125 -5.55 27.56 29.97
C GLU A 125 -4.54 26.63 30.63
N VAL A 126 -3.96 25.73 29.82
CA VAL A 126 -3.00 24.77 30.31
C VAL A 126 -1.84 24.70 29.31
N GLU A 127 -0.62 24.65 29.83
CA GLU A 127 0.55 24.58 28.96
C GLU A 127 1.63 23.72 29.59
N PHE A 128 2.33 22.99 28.74
CA PHE A 128 3.41 22.11 29.18
C PHE A 128 4.32 21.72 28.01
N THR A 129 5.52 21.25 28.34
CA THR A 129 6.46 20.81 27.33
C THR A 129 6.86 19.38 27.65
N LEU A 130 7.16 18.60 26.61
CA LEU A 130 7.57 17.22 26.83
C LEU A 130 8.31 16.71 25.61
N PRO A 131 9.12 15.66 25.79
CA PRO A 131 9.88 15.09 24.67
C PRO A 131 8.92 14.55 23.61
N GLN A 132 9.30 14.65 22.33
CA GLN A 132 8.46 14.12 21.27
C GLN A 132 8.23 12.64 21.50
N ALA A 133 9.28 11.97 21.97
CA ALA A 133 9.21 10.53 22.23
C ALA A 133 8.11 10.17 23.22
N THR A 134 7.83 11.09 24.14
CA THR A 134 6.80 10.83 25.14
C THR A 134 5.41 10.98 24.53
N MET A 135 5.24 11.96 23.65
CA MET A 135 3.95 12.14 23.00
C MET A 135 3.71 10.94 22.09
N LYS A 136 4.76 10.51 21.40
CA LYS A 136 4.65 9.36 20.51
C LYS A 136 4.20 8.12 21.28
N ARG A 137 4.85 7.87 22.42
CA ARG A 137 4.49 6.73 23.25
C ARG A 137 3.04 6.83 23.71
N LEU A 138 2.63 8.00 24.17
CA LEU A 138 1.27 8.18 24.65
C LEU A 138 0.19 7.92 23.61
N ILE A 139 0.40 8.45 22.40
CA ILE A 139 -0.58 8.26 21.35
C ILE A 139 -0.56 6.83 20.81
N GLU A 140 0.64 6.31 20.55
CA GLU A 140 0.78 4.95 20.02
C GLU A 140 0.20 3.90 20.96
N ALA A 141 0.28 4.15 22.27
CA ALA A 141 -0.21 3.20 23.24
C ALA A 141 -1.73 3.08 23.29
N THR A 142 -2.46 4.09 22.82
CA THR A 142 -3.91 4.07 22.92
C THR A 142 -4.72 4.32 21.65
N GLN A 143 -4.10 4.90 20.63
CA GLN A 143 -4.78 5.26 19.40
C GLN A 143 -5.70 4.22 18.78
N PHE A 144 -5.26 2.96 18.77
CA PHE A 144 -6.07 1.91 18.17
C PHE A 144 -7.43 1.67 18.83
N SER A 145 -7.60 2.17 20.05
CA SER A 145 -8.86 1.96 20.77
C SER A 145 -9.91 3.05 20.57
N MET A 146 -9.58 4.08 19.80
CA MET A 146 -10.53 5.16 19.55
C MET A 146 -11.65 4.62 18.66
N ALA A 147 -12.83 5.23 18.74
CA ALA A 147 -13.94 4.82 17.90
C ALA A 147 -13.76 5.55 16.57
N HIS A 148 -14.37 5.07 15.51
CA HIS A 148 -14.24 5.70 14.19
C HIS A 148 -15.27 6.81 13.98
N GLN A 149 -16.52 6.41 13.70
CA GLN A 149 -17.61 7.35 13.48
C GLN A 149 -18.81 6.85 14.29
N ASP A 150 -18.60 6.73 15.59
CA ASP A 150 -19.62 6.24 16.52
C ASP A 150 -20.66 7.30 16.86
N VAL A 151 -21.89 6.86 17.16
CA VAL A 151 -22.95 7.78 17.54
C VAL A 151 -22.50 8.51 18.80
N ARG A 152 -21.75 7.81 19.65
CA ARG A 152 -21.20 8.43 20.85
C ARG A 152 -20.00 9.18 20.28
N TYR A 153 -20.28 10.33 19.67
CA TYR A 153 -19.26 11.13 19.01
C TYR A 153 -18.03 11.50 19.82
N TYR A 154 -18.19 11.61 21.14
CA TYR A 154 -17.08 11.97 22.00
C TYR A 154 -16.03 10.85 22.10
N LEU A 155 -16.31 9.72 21.47
CA LEU A 155 -15.36 8.60 21.47
C LEU A 155 -14.54 8.55 20.18
N ASN A 156 -14.84 9.45 19.26
CA ASN A 156 -14.16 9.55 17.98
C ASN A 156 -12.97 10.48 18.16
N GLY A 157 -12.21 10.21 19.21
CA GLY A 157 -11.07 11.03 19.52
C GLY A 157 -10.34 10.41 20.67
N MET A 158 -9.43 11.17 21.27
CA MET A 158 -8.60 10.69 22.36
C MET A 158 -8.59 11.67 23.51
N LEU A 159 -8.78 11.15 24.73
CA LEU A 159 -8.76 11.98 25.92
C LEU A 159 -7.30 12.30 26.25
N PHE A 160 -7.03 13.56 26.52
CA PHE A 160 -5.71 14.01 26.96
C PHE A 160 -6.00 14.61 28.31
N GLU A 161 -5.51 13.96 29.37
CA GLU A 161 -5.77 14.42 30.72
C GLU A 161 -4.48 14.75 31.47
N THR A 162 -4.52 15.85 32.21
CA THR A 162 -3.38 16.27 33.01
C THR A 162 -3.81 16.13 34.48
N GLU A 163 -2.89 15.68 35.32
CA GLU A 163 -3.18 15.49 36.74
C GLU A 163 -1.83 15.39 37.46
N GLY A 164 -1.59 16.28 38.43
CA GLY A 164 -0.31 16.27 39.12
C GLY A 164 0.75 16.58 38.09
N GLU A 165 1.77 15.73 37.99
CA GLU A 165 2.80 15.93 36.98
C GLU A 165 2.66 14.93 35.83
N GLU A 166 1.49 14.29 35.73
CA GLU A 166 1.26 13.31 34.69
C GLU A 166 0.39 13.80 33.54
N LEU A 167 0.69 13.30 32.34
CA LEU A 167 -0.09 13.58 31.15
C LEU A 167 -0.57 12.18 30.80
N ARG A 168 -1.87 12.03 30.56
CA ARG A 168 -2.40 10.73 30.24
C ARG A 168 -3.31 10.75 29.03
N THR A 169 -3.29 9.66 28.26
CA THR A 169 -4.17 9.54 27.11
C THR A 169 -5.08 8.34 27.35
N VAL A 170 -6.32 8.45 26.89
CA VAL A 170 -7.29 7.38 27.03
C VAL A 170 -8.10 7.32 25.75
N ALA A 171 -8.41 6.10 25.31
CA ALA A 171 -9.21 5.92 24.11
C ALA A 171 -10.10 4.71 24.33
N THR A 172 -11.33 4.80 23.84
CA THR A 172 -12.25 3.70 23.96
C THR A 172 -13.36 3.80 22.93
N ASP A 173 -13.94 2.65 22.59
CA ASP A 173 -15.06 2.63 21.65
C ASP A 173 -16.27 2.05 22.37
N GLY A 174 -16.16 1.95 23.69
CA GLY A 174 -17.24 1.42 24.50
C GLY A 174 -17.16 -0.08 24.78
N HIS A 175 -16.30 -0.77 24.04
CA HIS A 175 -16.14 -2.22 24.20
C HIS A 175 -14.74 -2.59 24.69
N ARG A 176 -13.76 -1.77 24.36
CA ARG A 176 -12.40 -1.99 24.83
C ARG A 176 -11.79 -0.62 25.08
N LEU A 177 -10.85 -0.54 26.01
CA LEU A 177 -10.26 0.74 26.36
C LEU A 177 -8.76 0.65 26.57
N ALA A 178 -8.07 1.76 26.30
CA ALA A 178 -6.62 1.85 26.46
C ALA A 178 -6.30 3.13 27.22
N VAL A 179 -5.39 3.05 28.17
CA VAL A 179 -4.97 4.21 28.94
C VAL A 179 -3.46 4.16 29.15
N CYS A 180 -2.80 5.31 28.99
CA CYS A 180 -1.36 5.39 29.17
C CYS A 180 -1.02 6.68 29.91
N SER A 181 -0.20 6.59 30.95
CA SER A 181 0.16 7.77 31.73
C SER A 181 1.66 7.91 31.78
N MET A 182 2.15 9.14 31.68
CA MET A 182 3.58 9.42 31.73
C MET A 182 3.86 10.69 32.53
N PRO A 183 4.82 10.62 33.46
CA PRO A 183 5.15 11.80 34.26
C PRO A 183 6.00 12.73 33.40
N ILE A 184 5.67 14.02 33.42
CA ILE A 184 6.44 14.95 32.60
C ILE A 184 7.15 16.06 33.39
N GLY A 185 7.40 15.80 34.67
CA GLY A 185 8.12 16.75 35.50
C GLY A 185 7.66 18.19 35.60
N GLN A 186 6.36 18.42 35.44
CA GLN A 186 5.80 19.78 35.53
C GLN A 186 4.49 19.72 36.27
N SER A 187 4.29 20.68 37.18
CA SER A 187 3.05 20.77 37.95
C SER A 187 1.96 21.22 36.99
N LEU A 188 0.93 20.39 36.86
CA LEU A 188 -0.17 20.70 35.96
C LEU A 188 -1.51 20.76 36.67
N PRO A 189 -2.44 21.56 36.12
CA PRO A 189 -3.77 21.65 36.75
C PRO A 189 -4.53 20.41 36.29
N SER A 190 -5.52 19.97 37.07
CA SER A 190 -6.30 18.81 36.67
C SER A 190 -7.22 19.28 35.55
N HIS A 191 -7.01 18.74 34.36
CA HIS A 191 -7.77 19.14 33.19
C HIS A 191 -7.91 17.97 32.23
N SER A 192 -8.99 17.97 31.45
CA SER A 192 -9.27 16.91 30.48
C SER A 192 -9.95 17.49 29.25
N VAL A 193 -9.49 17.06 28.08
CA VAL A 193 -10.07 17.48 26.80
C VAL A 193 -10.01 16.29 25.87
N ILE A 194 -10.84 16.34 24.83
CA ILE A 194 -10.88 15.27 23.83
C ILE A 194 -10.40 15.83 22.50
N VAL A 195 -9.34 15.24 21.95
CA VAL A 195 -8.80 15.67 20.68
C VAL A 195 -9.43 14.80 19.58
N PRO A 196 -9.96 15.42 18.51
CA PRO A 196 -10.57 14.63 17.45
C PRO A 196 -9.62 13.65 16.77
N ARG A 197 -10.18 12.56 16.27
CA ARG A 197 -9.42 11.51 15.61
C ARG A 197 -8.44 12.07 14.57
N LYS A 198 -8.92 12.94 13.68
CA LYS A 198 -8.04 13.51 12.67
C LYS A 198 -6.94 14.37 13.30
N GLY A 199 -7.23 14.97 14.46
CA GLY A 199 -6.24 15.78 15.14
C GLY A 199 -5.12 14.92 15.71
N VAL A 200 -5.50 13.76 16.23
CA VAL A 200 -4.55 12.82 16.80
C VAL A 200 -3.59 12.34 15.71
N ILE A 201 -4.14 12.01 14.55
CA ILE A 201 -3.32 11.55 13.44
C ILE A 201 -2.33 12.64 13.03
N GLU A 202 -2.82 13.86 12.90
CA GLU A 202 -1.96 14.97 12.51
C GLU A 202 -0.87 15.25 13.53
N LEU A 203 -1.22 15.14 14.81
CA LEU A 203 -0.25 15.39 15.85
C LEU A 203 0.87 14.37 15.75
N MET A 204 0.49 13.11 15.56
CA MET A 204 1.46 12.01 15.45
C MET A 204 2.37 12.22 14.24
N ARG A 205 1.79 12.70 13.15
CA ARG A 205 2.55 12.92 11.93
C ARG A 205 3.60 14.03 12.05
N MET A 206 3.38 14.96 12.98
CA MET A 206 4.33 16.06 13.12
C MET A 206 5.60 15.73 13.92
N LEU A 207 5.66 14.54 14.51
CA LEU A 207 6.85 14.15 15.26
C LEU A 207 7.86 13.47 14.34
N ASP A 208 8.99 14.13 14.10
CA ASP A 208 10.02 13.58 13.23
C ASP A 208 10.95 12.61 13.93
N GLY A 209 10.79 12.48 15.24
CA GLY A 209 11.64 11.58 16.00
C GLY A 209 12.97 12.21 16.32
N GLY A 210 13.00 13.54 16.36
CA GLY A 210 14.22 14.26 16.66
C GLY A 210 14.25 14.70 18.11
N ASP A 211 15.21 15.56 18.44
CA ASP A 211 15.35 16.05 19.80
C ASP A 211 14.43 17.25 20.09
N ASN A 212 13.95 17.92 19.05
CA ASN A 212 13.07 19.06 19.24
C ASN A 212 11.93 18.72 20.19
N PRO A 213 11.81 19.47 21.30
CA PRO A 213 10.75 19.20 22.26
C PRO A 213 9.40 19.72 21.75
N LEU A 214 8.33 19.20 22.33
CA LEU A 214 6.98 19.59 21.95
C LEU A 214 6.36 20.50 23.00
N ARG A 215 5.81 21.62 22.56
CA ARG A 215 5.16 22.56 23.47
C ARG A 215 3.68 22.51 23.17
N VAL A 216 2.90 22.18 24.19
CA VAL A 216 1.46 22.07 24.04
C VAL A 216 0.71 23.14 24.81
N GLN A 217 -0.33 23.68 24.19
CA GLN A 217 -1.18 24.69 24.81
C GLN A 217 -2.60 24.20 24.63
N ILE A 218 -3.36 24.13 25.71
CA ILE A 218 -4.74 23.68 25.63
C ILE A 218 -5.69 24.77 26.08
N GLY A 219 -6.67 25.07 25.25
CA GLY A 219 -7.66 26.09 25.57
C GLY A 219 -8.98 25.43 25.91
N SER A 220 -10.04 26.22 26.03
CA SER A 220 -11.35 25.67 26.36
C SER A 220 -11.92 24.85 25.20
N ASN A 221 -11.63 25.26 23.97
CA ASN A 221 -12.15 24.54 22.82
C ASN A 221 -11.12 24.22 21.73
N ASN A 222 -9.83 24.42 22.05
CA ASN A 222 -8.78 24.14 21.07
C ASN A 222 -7.50 23.63 21.71
N ILE A 223 -6.63 23.06 20.89
CA ILE A 223 -5.34 22.58 21.35
C ILE A 223 -4.30 22.94 20.30
N ARG A 224 -3.12 23.36 20.76
CA ARG A 224 -2.05 23.75 19.85
C ARG A 224 -0.77 23.03 20.25
N ALA A 225 -0.03 22.57 19.24
CA ALA A 225 1.23 21.89 19.51
C ALA A 225 2.34 22.52 18.66
N HIS A 226 3.44 22.86 19.32
CA HIS A 226 4.59 23.49 18.68
C HIS A 226 5.78 22.56 18.66
N VAL A 227 6.35 22.33 17.48
CA VAL A 227 7.54 21.48 17.34
C VAL A 227 8.43 22.13 16.28
N GLY A 228 9.61 22.59 16.69
CA GLY A 228 10.49 23.23 15.73
C GLY A 228 9.81 24.44 15.13
N ASP A 229 9.74 24.51 13.81
CA ASP A 229 9.09 25.65 13.16
C ASP A 229 7.72 25.31 12.60
N PHE A 230 7.07 24.35 13.25
CA PHE A 230 5.74 23.90 12.87
C PHE A 230 4.77 24.13 14.01
N ILE A 231 3.57 24.59 13.68
CA ILE A 231 2.54 24.83 14.67
C ILE A 231 1.23 24.22 14.20
N PHE A 232 0.73 23.26 14.97
CA PHE A 232 -0.52 22.58 14.65
C PHE A 232 -1.59 22.99 15.65
N THR A 233 -2.76 23.34 15.14
CA THR A 233 -3.88 23.73 16.02
C THR A 233 -5.11 22.97 15.59
N SER A 234 -5.88 22.52 16.57
CA SER A 234 -7.10 21.78 16.29
C SER A 234 -8.21 22.13 17.27
N LYS A 235 -9.44 22.06 16.78
CA LYS A 235 -10.58 22.28 17.63
C LYS A 235 -10.63 21.02 18.48
N LEU A 236 -11.28 21.12 19.63
CA LEU A 236 -11.43 19.98 20.52
C LEU A 236 -12.85 19.45 20.33
N VAL A 237 -13.08 18.20 20.69
CA VAL A 237 -14.42 17.63 20.56
C VAL A 237 -15.25 18.23 21.70
N ASP A 238 -16.39 18.81 21.34
CA ASP A 238 -17.27 19.42 22.33
C ASP A 238 -18.17 18.37 22.97
N GLY A 239 -17.58 17.63 23.90
CA GLY A 239 -18.31 16.59 24.60
C GLY A 239 -17.50 16.14 25.79
N ARG A 240 -18.03 15.19 26.54
CA ARG A 240 -17.34 14.66 27.70
C ARG A 240 -17.00 13.19 27.50
N PHE A 241 -15.88 12.78 28.08
CA PHE A 241 -15.38 11.42 27.93
C PHE A 241 -15.83 10.49 29.06
N PRO A 242 -15.93 9.18 28.78
CA PRO A 242 -16.36 8.25 29.81
C PRO A 242 -15.41 8.17 31.02
N ASP A 243 -15.95 7.67 32.14
CA ASP A 243 -15.22 7.51 33.40
C ASP A 243 -14.32 6.28 33.30
N TYR A 244 -13.13 6.46 32.73
CA TYR A 244 -12.22 5.35 32.53
C TYR A 244 -11.73 4.71 33.84
N ARG A 245 -11.69 5.50 34.91
CA ARG A 245 -11.24 4.96 36.20
C ARG A 245 -12.19 3.86 36.69
N ARG A 246 -13.47 3.99 36.40
CA ARG A 246 -14.44 2.98 36.81
C ARG A 246 -14.31 1.73 35.93
N VAL A 247 -13.82 1.93 34.72
CA VAL A 247 -13.65 0.83 33.78
C VAL A 247 -12.57 -0.15 34.24
N LEU A 248 -11.50 0.38 34.82
CA LEU A 248 -10.40 -0.48 35.31
C LEU A 248 -10.93 -1.41 36.40
N PRO A 249 -10.86 -2.73 36.17
CA PRO A 249 -11.34 -3.70 37.16
C PRO A 249 -10.84 -3.43 38.58
N LYS A 250 -11.80 -3.35 39.50
CA LYS A 250 -11.53 -3.10 40.92
C LYS A 250 -10.32 -3.85 41.45
N ASN A 251 -10.55 -5.09 41.87
CA ASN A 251 -9.50 -5.94 42.41
C ASN A 251 -9.65 -7.36 41.86
N PRO A 252 -9.03 -7.63 40.69
CA PRO A 252 -9.09 -8.95 40.07
C PRO A 252 -8.31 -9.98 40.89
N ASP A 253 -8.93 -11.13 41.15
CA ASP A 253 -8.29 -12.16 41.94
C ASP A 253 -7.36 -13.08 41.15
N LYS A 254 -7.56 -13.15 39.85
CA LYS A 254 -6.74 -14.02 38.99
C LYS A 254 -5.66 -13.27 38.21
N HIS A 255 -4.48 -13.89 38.15
CA HIS A 255 -3.31 -13.32 37.49
C HIS A 255 -2.63 -14.33 36.58
N LEU A 256 -2.51 -13.99 35.29
CA LEU A 256 -1.88 -14.87 34.32
C LEU A 256 -0.74 -14.15 33.60
N GLU A 257 0.40 -14.80 33.49
CA GLU A 257 1.54 -14.21 32.80
C GLU A 257 2.04 -15.14 31.71
N ALA A 258 2.45 -14.56 30.58
CA ALA A 258 2.94 -15.34 29.47
C ALA A 258 3.75 -14.49 28.48
N GLY A 259 4.56 -15.16 27.67
CA GLY A 259 5.36 -14.45 26.67
C GLY A 259 4.44 -13.77 25.69
N CYS A 260 4.75 -12.51 25.37
CA CYS A 260 3.92 -11.76 24.44
C CYS A 260 3.89 -12.37 23.04
N ASP A 261 5.05 -12.73 22.52
CA ASP A 261 5.15 -13.31 21.19
C ASP A 261 4.37 -14.62 21.07
N LEU A 262 4.62 -15.55 22.00
CA LEU A 262 3.92 -16.82 21.96
C LEU A 262 2.42 -16.66 22.09
N LEU A 263 1.98 -15.76 22.96
CA LEU A 263 0.55 -15.52 23.16
C LEU A 263 -0.08 -14.90 21.90
N LYS A 264 0.60 -13.92 21.33
CA LYS A 264 0.08 -13.25 20.14
C LYS A 264 -0.06 -14.25 18.99
N GLN A 265 0.98 -15.05 18.77
CA GLN A 265 0.94 -16.03 17.70
C GLN A 265 -0.17 -17.05 17.87
N ALA A 266 -0.40 -17.48 19.10
CA ALA A 266 -1.46 -18.45 19.38
C ALA A 266 -2.82 -17.86 19.07
N PHE A 267 -3.05 -16.62 19.51
CA PHE A 267 -4.33 -15.97 19.25
C PHE A 267 -4.53 -15.71 17.76
N ALA A 268 -3.44 -15.37 17.06
CA ALA A 268 -3.51 -15.08 15.63
C ALA A 268 -3.90 -16.31 14.83
N ARG A 269 -3.34 -17.46 15.18
CA ARG A 269 -3.69 -18.68 14.46
C ARG A 269 -5.14 -19.06 14.76
N ALA A 270 -5.52 -19.01 16.04
CA ALA A 270 -6.88 -19.36 16.42
C ALA A 270 -7.90 -18.46 15.74
N ALA A 271 -7.57 -17.18 15.60
CA ALA A 271 -8.47 -16.21 14.98
C ALA A 271 -8.89 -16.62 13.57
N ILE A 272 -7.98 -17.29 12.88
CA ILE A 272 -8.24 -17.73 11.51
C ILE A 272 -9.56 -18.48 11.39
N LEU A 273 -9.88 -19.29 12.39
CA LEU A 273 -11.12 -20.05 12.37
C LEU A 273 -12.24 -19.49 13.24
N SER A 274 -12.18 -18.21 13.57
CA SER A 274 -13.22 -17.58 14.39
C SER A 274 -14.24 -16.97 13.44
N ASN A 275 -15.42 -16.66 13.96
CA ASN A 275 -16.48 -16.05 13.16
C ASN A 275 -15.91 -14.79 12.52
N GLU A 276 -15.96 -14.72 11.19
CA GLU A 276 -15.45 -13.58 10.45
C GLU A 276 -16.05 -12.24 10.88
N LYS A 277 -17.28 -12.27 11.38
CA LYS A 277 -17.96 -11.04 11.78
C LYS A 277 -17.86 -10.70 13.27
N PHE A 278 -18.07 -11.69 14.12
CA PHE A 278 -18.05 -11.46 15.56
C PHE A 278 -16.73 -11.80 16.23
N ARG A 279 -15.90 -12.58 15.54
CA ARG A 279 -14.57 -12.96 15.99
C ARG A 279 -14.38 -13.49 17.41
N GLY A 280 -15.35 -14.23 17.93
CA GLY A 280 -15.21 -14.73 19.27
C GLY A 280 -14.28 -15.94 19.43
N VAL A 281 -13.51 -15.94 20.51
CA VAL A 281 -12.61 -17.04 20.84
C VAL A 281 -12.78 -17.28 22.33
N ARG A 282 -12.55 -18.50 22.78
CA ARG A 282 -12.69 -18.81 24.20
C ARG A 282 -11.37 -19.17 24.82
N LEU A 283 -11.18 -18.74 26.06
CA LEU A 283 -9.96 -19.02 26.80
C LEU A 283 -10.29 -19.93 27.98
N TYR A 284 -9.47 -20.97 28.15
CA TYR A 284 -9.63 -21.90 29.26
C TYR A 284 -8.35 -21.83 30.08
N VAL A 285 -8.42 -21.20 31.25
CA VAL A 285 -7.25 -21.08 32.08
C VAL A 285 -7.24 -22.17 33.15
N SER A 286 -6.09 -22.80 33.34
CA SER A 286 -5.94 -23.83 34.35
C SER A 286 -4.51 -23.76 34.87
N GLU A 287 -4.18 -24.61 35.84
CA GLU A 287 -2.84 -24.60 36.42
C GLU A 287 -1.75 -24.50 35.35
N ASN A 288 -1.06 -23.37 35.33
CA ASN A 288 0.03 -23.10 34.40
C ASN A 288 -0.24 -23.42 32.94
N GLN A 289 -1.50 -23.30 32.51
CA GLN A 289 -1.81 -23.59 31.13
C GLN A 289 -2.94 -22.75 30.58
N LEU A 290 -2.86 -22.43 29.30
CA LEU A 290 -3.91 -21.67 28.65
C LEU A 290 -4.30 -22.40 27.38
N LYS A 291 -5.60 -22.58 27.20
CA LYS A 291 -6.12 -23.23 26.02
C LYS A 291 -7.01 -22.20 25.32
N ILE A 292 -6.76 -21.97 24.04
CA ILE A 292 -7.55 -21.01 23.29
C ILE A 292 -8.25 -21.79 22.18
N THR A 293 -9.55 -21.60 22.04
CA THR A 293 -10.29 -22.29 20.99
C THR A 293 -11.12 -21.30 20.19
N ALA A 294 -11.47 -21.70 18.98
CA ALA A 294 -12.28 -20.87 18.11
C ALA A 294 -13.01 -21.75 17.11
N ASN A 295 -14.23 -21.37 16.78
CA ASN A 295 -15.02 -22.09 15.79
C ASN A 295 -15.85 -21.08 15.00
N ASN A 296 -16.30 -21.49 13.82
CA ASN A 296 -17.09 -20.61 12.98
C ASN A 296 -18.36 -21.33 12.49
N PRO A 297 -19.21 -20.63 11.73
CA PRO A 297 -20.45 -21.22 11.21
C PRO A 297 -20.25 -22.44 10.32
N GLU A 298 -19.03 -22.59 9.78
CA GLU A 298 -18.73 -23.73 8.91
C GLU A 298 -18.32 -24.95 9.72
N GLN A 299 -18.41 -24.82 11.04
CA GLN A 299 -18.07 -25.89 11.97
C GLN A 299 -16.57 -26.18 12.05
N GLU A 300 -15.76 -25.27 11.54
CA GLU A 300 -14.31 -25.44 11.59
C GLU A 300 -13.86 -25.02 12.99
N GLU A 301 -12.77 -25.59 13.47
CA GLU A 301 -12.29 -25.23 14.81
C GLU A 301 -10.79 -25.25 14.98
N ALA A 302 -10.31 -24.39 15.88
CA ALA A 302 -8.89 -24.29 16.16
C ALA A 302 -8.68 -24.42 17.66
N GLU A 303 -7.54 -25.00 18.02
CA GLU A 303 -7.19 -25.17 19.43
C GLU A 303 -5.70 -24.94 19.63
N GLU A 304 -5.38 -24.07 20.56
CA GLU A 304 -4.00 -23.75 20.89
C GLU A 304 -3.80 -23.99 22.38
N ILE A 305 -2.72 -24.66 22.74
CA ILE A 305 -2.39 -24.90 24.13
C ILE A 305 -1.04 -24.24 24.37
N LEU A 306 -0.94 -23.47 25.45
CA LEU A 306 0.30 -22.78 25.77
C LEU A 306 0.65 -22.91 27.25
N ASP A 307 1.94 -22.85 27.54
CA ASP A 307 2.41 -22.91 28.92
C ASP A 307 2.38 -21.48 29.42
N VAL A 308 1.75 -21.23 30.55
CA VAL A 308 1.71 -19.88 31.11
C VAL A 308 1.91 -19.98 32.61
N THR A 309 2.07 -18.84 33.27
CA THR A 309 2.22 -18.84 34.72
C THR A 309 0.87 -18.46 35.28
N TYR A 310 0.20 -19.44 35.90
CA TYR A 310 -1.13 -19.24 36.49
C TYR A 310 -1.39 -20.29 37.57
N SER A 311 -1.84 -19.84 38.74
CA SER A 311 -2.10 -20.77 39.83
C SER A 311 -3.45 -20.56 40.50
N GLY A 312 -4.33 -19.80 39.85
CA GLY A 312 -5.64 -19.55 40.42
C GLY A 312 -6.63 -20.65 40.11
N ALA A 313 -7.91 -20.37 40.32
CA ALA A 313 -8.97 -21.33 40.05
C ALA A 313 -9.22 -21.37 38.56
N GLU A 314 -9.67 -22.52 38.06
CA GLU A 314 -9.97 -22.65 36.64
C GLU A 314 -11.16 -21.79 36.25
N MET A 315 -11.11 -21.22 35.05
CA MET A 315 -12.20 -20.40 34.56
C MET A 315 -12.17 -20.31 33.04
N GLU A 316 -13.32 -20.00 32.46
CA GLU A 316 -13.45 -19.87 31.02
C GLU A 316 -14.01 -18.49 30.73
N ILE A 317 -13.55 -17.88 29.65
CA ILE A 317 -14.01 -16.55 29.28
C ILE A 317 -13.84 -16.34 27.79
N GLY A 318 -14.80 -15.64 27.19
CA GLY A 318 -14.74 -15.39 25.77
C GLY A 318 -14.40 -13.93 25.49
N PHE A 319 -13.72 -13.68 24.37
CA PHE A 319 -13.33 -12.34 23.98
C PHE A 319 -13.32 -12.21 22.47
N ASN A 320 -13.44 -10.97 22.00
CA ASN A 320 -13.36 -10.66 20.59
C ASN A 320 -11.84 -10.75 20.38
N VAL A 321 -11.39 -11.70 19.57
CA VAL A 321 -9.95 -11.89 19.35
C VAL A 321 -9.24 -10.70 18.69
N SER A 322 -9.95 -9.91 17.90
CA SER A 322 -9.33 -8.75 17.26
C SER A 322 -8.95 -7.73 18.35
N TYR A 323 -9.81 -7.59 19.35
CA TYR A 323 -9.53 -6.68 20.45
C TYR A 323 -8.27 -7.13 21.20
N VAL A 324 -8.16 -8.44 21.43
CA VAL A 324 -7.00 -9.00 22.13
C VAL A 324 -5.71 -8.83 21.32
N LEU A 325 -5.78 -9.15 20.02
CA LEU A 325 -4.62 -8.99 19.16
C LEU A 325 -4.19 -7.53 19.07
N ASP A 326 -5.16 -6.61 19.06
CA ASP A 326 -4.82 -5.18 18.99
C ASP A 326 -3.93 -4.82 20.19
N VAL A 327 -4.28 -5.34 21.36
CA VAL A 327 -3.53 -5.06 22.58
C VAL A 327 -2.13 -5.68 22.55
N LEU A 328 -2.04 -6.96 22.18
CA LEU A 328 -0.75 -7.62 22.14
C LEU A 328 0.17 -6.98 21.11
N ASN A 329 -0.42 -6.48 20.02
CA ASN A 329 0.37 -5.82 18.98
C ASN A 329 0.89 -4.47 19.50
N ALA A 330 0.08 -3.80 20.32
CA ALA A 330 0.46 -2.51 20.89
C ALA A 330 1.55 -2.68 21.94
N LEU A 331 1.59 -3.83 22.58
CA LEU A 331 2.59 -4.13 23.59
C LEU A 331 3.80 -4.80 22.95
N LYS A 332 4.89 -4.06 22.79
CA LYS A 332 6.10 -4.62 22.18
C LYS A 332 7.08 -5.11 23.24
N CYS A 333 6.56 -5.72 24.29
CA CYS A 333 7.37 -6.22 25.40
C CYS A 333 7.58 -7.72 25.38
N GLU A 334 8.35 -8.21 26.35
CA GLU A 334 8.66 -9.63 26.45
C GLU A 334 7.53 -10.45 27.07
N ASN A 335 7.03 -9.99 28.23
CA ASN A 335 5.96 -10.71 28.92
C ASN A 335 4.73 -9.83 29.15
N VAL A 336 3.57 -10.47 29.17
CA VAL A 336 2.30 -9.78 29.39
C VAL A 336 1.59 -10.37 30.59
N ARG A 337 0.78 -9.54 31.25
CA ARG A 337 0.04 -9.98 32.40
C ARG A 337 -1.44 -9.72 32.13
N MET A 338 -2.25 -10.75 32.34
CA MET A 338 -3.70 -10.62 32.16
C MET A 338 -4.32 -10.74 33.54
N MET A 339 -5.13 -9.76 33.89
CA MET A 339 -5.78 -9.75 35.19
C MET A 339 -7.26 -10.04 34.98
N LEU A 340 -7.70 -11.18 35.51
CA LEU A 340 -9.09 -11.60 35.35
C LEU A 340 -9.87 -11.65 36.65
N THR A 341 -11.20 -11.67 36.52
CA THR A 341 -12.11 -11.74 37.65
C THR A 341 -12.96 -13.00 37.46
N ASP A 342 -13.85 -12.95 36.48
CA ASP A 342 -14.70 -14.10 36.16
C ASP A 342 -15.07 -14.03 34.69
N SER A 343 -15.95 -14.92 34.26
CA SER A 343 -16.36 -14.98 32.85
C SER A 343 -17.29 -13.86 32.43
N VAL A 344 -17.84 -13.12 33.37
CA VAL A 344 -18.75 -12.04 33.03
C VAL A 344 -18.17 -10.65 33.32
N SER A 345 -16.85 -10.61 33.52
CA SER A 345 -16.15 -9.37 33.81
C SER A 345 -15.04 -9.12 32.78
N SER A 346 -14.65 -7.86 32.65
CA SER A 346 -13.61 -7.53 31.69
C SER A 346 -12.26 -8.02 32.18
N VAL A 347 -11.28 -8.00 31.27
CA VAL A 347 -9.92 -8.40 31.59
C VAL A 347 -9.03 -7.16 31.44
N GLN A 348 -8.01 -7.04 32.29
CA GLN A 348 -7.10 -5.92 32.16
C GLN A 348 -5.77 -6.55 31.74
N ILE A 349 -5.17 -5.99 30.70
CA ILE A 349 -3.91 -6.49 30.17
C ILE A 349 -2.83 -5.42 30.24
N GLU A 350 -1.64 -5.80 30.67
CA GLU A 350 -0.51 -4.88 30.79
C GLU A 350 0.82 -5.59 30.49
N ASP A 351 1.85 -4.80 30.24
CA ASP A 351 3.21 -5.32 30.03
C ASP A 351 3.52 -5.80 31.45
N ALA A 352 4.02 -7.03 31.60
CA ALA A 352 4.31 -7.54 32.93
C ALA A 352 5.36 -6.73 33.70
N ALA A 353 6.14 -5.93 33.00
CA ALA A 353 7.17 -5.13 33.63
C ALA A 353 6.84 -3.65 33.73
N SER A 354 5.62 -3.26 33.38
CA SER A 354 5.26 -1.85 33.45
C SER A 354 3.76 -1.63 33.57
N GLN A 355 3.40 -0.71 34.46
CA GLN A 355 2.01 -0.35 34.70
C GLN A 355 1.66 0.95 33.98
N SER A 356 2.60 1.47 33.19
CA SER A 356 2.40 2.72 32.45
C SER A 356 1.20 2.72 31.52
N ALA A 357 0.87 1.57 30.96
CA ALA A 357 -0.28 1.46 30.07
C ALA A 357 -1.14 0.30 30.50
N ALA A 358 -2.45 0.44 30.37
CA ALA A 358 -3.38 -0.62 30.76
C ALA A 358 -4.45 -0.74 29.69
N TYR A 359 -4.89 -1.97 29.43
CA TYR A 359 -5.91 -2.21 28.43
C TYR A 359 -7.05 -3.01 29.04
N VAL A 360 -8.28 -2.58 28.79
CA VAL A 360 -9.42 -3.30 29.36
C VAL A 360 -10.33 -3.74 28.22
N VAL A 361 -10.67 -5.02 28.21
CA VAL A 361 -11.54 -5.55 27.17
C VAL A 361 -12.74 -6.26 27.75
N MET A 362 -13.93 -5.90 27.28
CA MET A 362 -15.16 -6.52 27.73
C MET A 362 -15.18 -7.98 27.27
N PRO A 363 -15.82 -8.85 28.05
CA PRO A 363 -15.90 -10.26 27.67
C PRO A 363 -17.08 -10.45 26.71
N MET A 364 -17.08 -11.59 26.02
CA MET A 364 -18.15 -11.94 25.09
C MET A 364 -18.87 -13.15 25.65
N ARG A 365 -20.19 -13.12 25.65
CA ARG A 365 -20.97 -14.24 26.16
C ARG A 365 -21.29 -15.24 25.06
N LEU A 366 -21.29 -16.52 25.42
CA LEU A 366 -21.58 -17.60 24.48
C LEU A 366 -21.49 -18.94 25.22
N MET B 1 -6.03 -39.99 3.11
CA MET B 1 -4.89 -39.09 2.76
C MET B 1 -4.21 -38.60 4.03
N LYS B 2 -2.89 -38.70 4.06
CA LYS B 2 -2.13 -38.26 5.22
C LYS B 2 -0.69 -37.95 4.84
N PHE B 3 -0.12 -36.93 5.48
CA PHE B 3 1.27 -36.56 5.22
C PHE B 3 1.80 -35.66 6.32
N THR B 4 3.12 -35.67 6.49
CA THR B 4 3.78 -34.86 7.49
C THR B 4 4.96 -34.21 6.79
N VAL B 5 5.01 -32.89 6.81
CA VAL B 5 6.09 -32.19 6.15
C VAL B 5 6.52 -30.92 6.89
N GLU B 6 7.78 -30.54 6.73
CA GLU B 6 8.30 -29.34 7.37
C GLU B 6 7.57 -28.13 6.79
N ARG B 7 7.21 -27.19 7.66
CA ARG B 7 6.52 -25.97 7.23
C ARG B 7 7.26 -25.28 6.09
N GLU B 8 8.58 -25.22 6.21
CA GLU B 8 9.43 -24.57 5.21
C GLU B 8 9.21 -25.06 3.78
N HIS B 9 8.86 -26.34 3.63
CA HIS B 9 8.64 -26.92 2.31
C HIS B 9 7.25 -26.63 1.73
N LEU B 10 6.37 -26.07 2.56
CA LEU B 10 5.01 -25.79 2.12
C LEU B 10 4.78 -24.32 1.81
N LEU B 11 5.61 -23.45 2.38
CA LEU B 11 5.47 -22.00 2.20
C LEU B 11 5.41 -21.49 0.77
N LYS B 12 6.45 -21.70 -0.01
CA LYS B 12 6.44 -21.21 -1.38
C LYS B 12 5.29 -21.83 -2.17
N PRO B 13 5.13 -23.16 -2.12
CA PRO B 13 4.03 -23.78 -2.87
C PRO B 13 2.66 -23.19 -2.58
N LEU B 14 2.33 -23.04 -1.29
CA LEU B 14 1.04 -22.47 -0.91
C LEU B 14 0.84 -21.07 -1.43
N GLN B 15 1.91 -20.28 -1.44
CA GLN B 15 1.85 -18.91 -1.91
C GLN B 15 1.55 -18.88 -3.40
N GLN B 16 2.22 -19.74 -4.16
CA GLN B 16 2.03 -19.80 -5.61
C GLN B 16 0.65 -20.28 -6.05
N VAL B 17 0.11 -21.30 -5.39
CA VAL B 17 -1.20 -21.80 -5.79
C VAL B 17 -2.37 -20.98 -5.25
N SER B 18 -2.10 -20.11 -4.28
CA SER B 18 -3.17 -19.28 -3.71
C SER B 18 -3.32 -17.98 -4.50
N GLY B 19 -2.38 -17.73 -5.41
CA GLY B 19 -2.41 -16.53 -6.21
C GLY B 19 -3.59 -16.41 -7.17
N PRO B 20 -3.89 -17.45 -7.96
CA PRO B 20 -5.02 -17.38 -8.91
C PRO B 20 -6.37 -17.21 -8.22
N LEU B 21 -6.41 -17.32 -6.90
CA LEU B 21 -7.64 -17.18 -6.14
C LEU B 21 -7.79 -15.76 -5.58
N GLY B 22 -8.99 -15.21 -5.70
CA GLY B 22 -9.25 -13.87 -5.20
C GLY B 22 -10.04 -13.89 -3.91
N GLY B 23 -10.80 -12.82 -3.67
CA GLY B 23 -11.60 -12.74 -2.45
C GLY B 23 -12.86 -13.58 -2.53
N ARG B 24 -12.71 -14.88 -2.33
CA ARG B 24 -13.84 -15.82 -2.39
C ARG B 24 -14.66 -15.61 -3.66
N PRO B 25 -14.30 -16.33 -4.74
CA PRO B 25 -14.99 -16.24 -6.03
C PRO B 25 -16.45 -16.68 -5.98
N THR B 26 -17.14 -16.54 -7.10
CA THR B 26 -18.54 -16.92 -7.21
C THR B 26 -18.79 -18.36 -6.73
N LEU B 27 -18.08 -19.31 -7.33
CA LEU B 27 -18.22 -20.71 -6.97
C LEU B 27 -17.33 -21.03 -5.78
N PRO B 28 -17.92 -21.55 -4.69
CA PRO B 28 -17.21 -21.91 -3.46
C PRO B 28 -15.99 -22.79 -3.70
N ILE B 29 -16.11 -23.77 -4.58
CA ILE B 29 -15.03 -24.70 -4.88
C ILE B 29 -13.74 -24.00 -5.31
N LEU B 30 -13.87 -22.88 -6.00
CA LEU B 30 -12.71 -22.13 -6.48
C LEU B 30 -11.93 -21.48 -5.34
N GLY B 31 -12.56 -21.39 -4.17
CA GLY B 31 -11.90 -20.81 -3.01
C GLY B 31 -11.07 -21.85 -2.28
N ASN B 32 -11.08 -23.07 -2.79
CA ASN B 32 -10.34 -24.16 -2.17
C ASN B 32 -9.11 -24.58 -2.94
N LEU B 33 -8.20 -25.24 -2.24
CA LEU B 33 -6.99 -25.76 -2.84
C LEU B 33 -7.16 -27.26 -2.94
N LEU B 34 -6.76 -27.85 -4.06
CA LEU B 34 -6.86 -29.28 -4.24
C LEU B 34 -5.57 -29.92 -3.72
N LEU B 35 -5.70 -30.85 -2.79
CA LEU B 35 -4.55 -31.54 -2.23
C LEU B 35 -4.60 -32.99 -2.69
N GLN B 36 -3.49 -33.49 -3.23
CA GLN B 36 -3.44 -34.85 -3.71
C GLN B 36 -2.13 -35.51 -3.29
N VAL B 37 -2.22 -36.67 -2.66
CA VAL B 37 -1.04 -37.42 -2.28
C VAL B 37 -0.99 -38.67 -3.14
N ALA B 38 0.09 -38.81 -3.90
CA ALA B 38 0.26 -39.96 -4.77
C ALA B 38 1.72 -40.11 -5.18
N ASP B 39 2.18 -41.36 -5.19
CA ASP B 39 3.55 -41.69 -5.56
C ASP B 39 4.60 -40.87 -4.82
N GLY B 40 4.46 -40.81 -3.49
CA GLY B 40 5.40 -40.07 -2.68
C GLY B 40 5.48 -38.57 -2.96
N THR B 41 4.42 -38.01 -3.54
CA THR B 41 4.40 -36.60 -3.85
C THR B 41 3.08 -35.94 -3.46
N LEU B 42 3.18 -34.74 -2.88
CA LEU B 42 2.01 -33.98 -2.51
C LEU B 42 1.85 -32.92 -3.59
N SER B 43 0.66 -32.87 -4.19
CA SER B 43 0.39 -31.87 -5.21
C SER B 43 -0.67 -30.91 -4.71
N LEU B 44 -0.44 -29.62 -4.93
CA LEU B 44 -1.37 -28.58 -4.51
C LEU B 44 -1.81 -27.86 -5.77
N THR B 45 -3.12 -27.69 -5.93
CA THR B 45 -3.63 -27.02 -7.11
C THR B 45 -4.65 -25.94 -6.77
N GLY B 46 -4.53 -24.81 -7.48
CA GLY B 46 -5.46 -23.71 -7.30
C GLY B 46 -5.91 -23.33 -8.69
N THR B 47 -7.16 -22.89 -8.83
CA THR B 47 -7.67 -22.51 -10.15
C THR B 47 -8.82 -21.52 -10.04
N ASP B 48 -9.12 -20.85 -11.14
CA ASP B 48 -10.23 -19.91 -11.20
C ASP B 48 -10.98 -20.20 -12.50
N LEU B 49 -10.72 -21.40 -13.02
CA LEU B 49 -11.31 -21.91 -14.26
C LEU B 49 -10.57 -21.43 -15.50
N GLU B 50 -10.04 -20.21 -15.44
CA GLU B 50 -9.32 -19.63 -16.57
C GLU B 50 -7.87 -20.10 -16.59
N MET B 51 -7.28 -20.23 -15.41
CA MET B 51 -5.90 -20.68 -15.27
C MET B 51 -5.76 -21.58 -14.07
N GLU B 52 -4.64 -22.30 -14.04
CA GLU B 52 -4.38 -23.25 -12.98
C GLU B 52 -2.92 -23.21 -12.57
N MET B 53 -2.66 -23.41 -11.28
CA MET B 53 -1.30 -23.44 -10.78
C MET B 53 -1.13 -24.71 -9.95
N VAL B 54 -0.14 -25.51 -10.32
CA VAL B 54 0.13 -26.76 -9.62
C VAL B 54 1.52 -26.77 -9.04
N ALA B 55 1.62 -27.14 -7.77
CA ALA B 55 2.91 -27.20 -7.09
C ALA B 55 3.08 -28.62 -6.55
N ARG B 56 4.28 -29.17 -6.72
CA ARG B 56 4.53 -30.51 -6.22
C ARG B 56 5.56 -30.44 -5.12
N VAL B 57 5.36 -31.24 -4.07
CA VAL B 57 6.25 -31.29 -2.92
C VAL B 57 6.62 -32.74 -2.61
N ALA B 58 7.91 -33.02 -2.61
CA ALA B 58 8.38 -34.37 -2.33
C ALA B 58 8.10 -34.73 -0.88
N LEU B 59 7.52 -35.91 -0.66
CA LEU B 59 7.20 -36.36 0.69
C LEU B 59 8.22 -37.39 1.15
N VAL B 60 9.13 -36.97 2.03
CA VAL B 60 10.17 -37.87 2.53
C VAL B 60 9.66 -38.70 3.71
N GLN B 61 8.79 -38.10 4.52
CA GLN B 61 8.23 -38.78 5.68
C GLN B 61 7.02 -39.63 5.29
N PRO B 62 6.66 -40.62 6.14
CA PRO B 62 5.52 -41.51 5.89
C PRO B 62 4.27 -40.76 5.46
N HIS B 63 3.55 -41.33 4.49
CA HIS B 63 2.34 -40.71 3.97
C HIS B 63 1.35 -41.75 3.46
N GLU B 64 0.12 -41.32 3.20
CA GLU B 64 -0.93 -42.18 2.68
C GLU B 64 -1.63 -41.46 1.53
N PRO B 65 -1.81 -42.14 0.39
CA PRO B 65 -2.46 -41.56 -0.79
C PRO B 65 -3.90 -41.11 -0.58
N GLY B 66 -4.35 -40.18 -1.41
CA GLY B 66 -5.70 -39.67 -1.32
C GLY B 66 -5.79 -38.22 -1.73
N ALA B 67 -7.01 -37.69 -1.80
CA ALA B 67 -7.22 -36.31 -2.21
C ALA B 67 -8.43 -35.67 -1.52
N THR B 68 -8.40 -34.34 -1.49
CA THR B 68 -9.48 -33.56 -0.90
C THR B 68 -9.20 -32.11 -1.26
N THR B 69 -10.09 -31.21 -0.86
CA THR B 69 -9.90 -29.79 -1.11
C THR B 69 -10.29 -29.06 0.17
N VAL B 70 -9.54 -28.01 0.49
CA VAL B 70 -9.77 -27.23 1.69
C VAL B 70 -9.64 -25.74 1.38
N PRO B 71 -10.25 -24.88 2.23
CA PRO B 71 -10.19 -23.42 2.04
C PRO B 71 -8.73 -23.02 1.86
N ALA B 72 -8.44 -22.38 0.72
CA ALA B 72 -7.07 -21.98 0.40
C ALA B 72 -6.43 -20.96 1.33
N ARG B 73 -7.09 -19.83 1.52
CA ARG B 73 -6.53 -18.78 2.37
C ARG B 73 -6.36 -19.25 3.81
N LYS B 74 -7.36 -19.94 4.34
CA LYS B 74 -7.28 -20.40 5.71
C LYS B 74 -6.16 -21.40 5.93
N PHE B 75 -5.99 -22.35 5.01
CA PHE B 75 -4.92 -23.34 5.14
C PHE B 75 -3.57 -22.66 5.01
N PHE B 76 -3.46 -21.72 4.09
CA PHE B 76 -2.20 -21.00 3.90
C PHE B 76 -1.86 -20.19 5.15
N ASP B 77 -2.85 -19.45 5.66
CA ASP B 77 -2.62 -18.64 6.86
C ASP B 77 -2.24 -19.48 8.07
N ILE B 78 -2.84 -20.65 8.20
CA ILE B 78 -2.53 -21.53 9.31
C ILE B 78 -1.07 -21.96 9.23
N CYS B 79 -0.65 -22.45 8.07
CA CYS B 79 0.73 -22.91 7.88
C CYS B 79 1.74 -21.79 8.07
N ARG B 80 1.49 -20.64 7.48
CA ARG B 80 2.39 -19.50 7.58
C ARG B 80 2.45 -18.99 9.01
N GLY B 81 1.33 -19.12 9.73
CA GLY B 81 1.26 -18.65 11.10
C GLY B 81 1.98 -19.51 12.13
N LEU B 82 2.35 -20.72 11.75
CA LEU B 82 3.06 -21.61 12.67
C LEU B 82 4.51 -21.14 12.80
N PRO B 83 5.19 -21.52 13.88
CA PRO B 83 6.58 -21.10 14.11
C PRO B 83 7.62 -21.68 13.15
N GLU B 84 8.72 -20.96 13.00
CA GLU B 84 9.81 -21.40 12.15
C GLU B 84 10.24 -22.80 12.58
N GLY B 85 10.48 -23.67 11.60
CA GLY B 85 10.91 -25.03 11.90
C GLY B 85 9.83 -26.00 12.29
N ALA B 86 8.57 -25.57 12.23
CA ALA B 86 7.45 -26.43 12.60
C ALA B 86 7.20 -27.56 11.61
N GLU B 87 6.73 -28.68 12.13
CA GLU B 87 6.39 -29.84 11.32
C GLU B 87 4.87 -29.84 11.27
N ILE B 88 4.31 -30.02 10.09
CA ILE B 88 2.87 -29.99 9.94
C ILE B 88 2.32 -31.35 9.54
N ALA B 89 1.49 -31.92 10.40
CA ALA B 89 0.87 -33.22 10.14
C ALA B 89 -0.56 -33.01 9.66
N VAL B 90 -0.89 -33.61 8.53
CA VAL B 90 -2.22 -33.48 7.95
C VAL B 90 -2.84 -34.83 7.68
N GLN B 91 -4.13 -34.97 8.01
CA GLN B 91 -4.84 -36.21 7.75
C GLN B 91 -6.32 -35.91 7.54
N LEU B 92 -6.93 -36.66 6.63
CA LEU B 92 -8.33 -36.48 6.29
C LEU B 92 -9.19 -37.27 7.27
N GLU B 93 -10.24 -36.64 7.77
CA GLU B 93 -11.14 -37.29 8.72
C GLU B 93 -12.59 -36.95 8.41
N GLY B 94 -13.29 -37.90 7.79
CA GLY B 94 -14.67 -37.67 7.45
C GLY B 94 -14.81 -36.50 6.49
N GLU B 95 -15.58 -35.50 6.88
CA GLU B 95 -15.79 -34.32 6.05
C GLU B 95 -14.83 -33.20 6.43
N ARG B 96 -13.88 -33.49 7.30
CA ARG B 96 -12.91 -32.48 7.73
C ARG B 96 -11.47 -32.92 7.56
N MET B 97 -10.57 -31.94 7.41
CA MET B 97 -9.15 -32.21 7.28
C MET B 97 -8.46 -31.66 8.52
N LEU B 98 -7.74 -32.52 9.23
CA LEU B 98 -7.04 -32.11 10.45
C LEU B 98 -5.59 -31.70 10.19
N VAL B 99 -5.21 -30.55 10.76
CA VAL B 99 -3.86 -30.03 10.63
C VAL B 99 -3.32 -29.88 12.05
N ARG B 100 -2.19 -30.52 12.32
CA ARG B 100 -1.61 -30.49 13.65
C ARG B 100 -0.13 -30.15 13.63
N SER B 101 0.30 -29.36 14.62
CA SER B 101 1.70 -28.97 14.71
C SER B 101 1.92 -28.52 16.16
N GLY B 102 2.92 -29.12 16.82
CA GLY B 102 3.17 -28.76 18.20
C GLY B 102 1.88 -29.02 18.96
N ARG B 103 1.39 -28.02 19.69
CA ARG B 103 0.14 -28.16 20.42
C ARG B 103 -0.92 -27.27 19.77
N SER B 104 -0.81 -27.11 18.46
CA SER B 104 -1.78 -26.32 17.71
C SER B 104 -2.58 -27.31 16.88
N ARG B 105 -3.91 -27.21 16.93
CA ARG B 105 -4.74 -28.13 16.17
C ARG B 105 -5.83 -27.41 15.40
N PHE B 106 -6.02 -27.81 14.14
CA PHE B 106 -7.05 -27.18 13.31
C PHE B 106 -7.84 -28.21 12.55
N SER B 107 -9.14 -27.95 12.41
CA SER B 107 -10.04 -28.83 11.67
C SER B 107 -10.71 -27.96 10.62
N LEU B 108 -10.38 -28.22 9.35
CA LEU B 108 -10.93 -27.45 8.24
C LEU B 108 -12.01 -28.19 7.46
N SER B 109 -12.97 -27.43 6.93
CA SER B 109 -14.05 -28.00 6.15
C SER B 109 -13.47 -28.45 4.80
N THR B 110 -14.16 -29.38 4.14
CA THR B 110 -13.70 -29.88 2.86
C THR B 110 -14.80 -29.95 1.82
N LEU B 111 -14.36 -30.09 0.57
CA LEU B 111 -15.25 -30.25 -0.57
C LEU B 111 -14.55 -31.38 -1.34
N PRO B 112 -15.32 -32.32 -1.88
CA PRO B 112 -14.77 -33.45 -2.64
C PRO B 112 -13.80 -33.07 -3.76
N ALA B 113 -12.67 -33.78 -3.82
CA ALA B 113 -11.67 -33.54 -4.84
C ALA B 113 -12.27 -33.83 -6.21
N ALA B 114 -13.28 -34.70 -6.25
CA ALA B 114 -13.94 -35.06 -7.49
C ALA B 114 -14.73 -33.87 -8.07
N ASP B 115 -14.99 -32.87 -7.23
CA ASP B 115 -15.74 -31.69 -7.69
C ASP B 115 -14.82 -30.56 -8.13
N PHE B 116 -13.54 -30.66 -7.83
CA PHE B 116 -12.58 -29.61 -8.20
C PHE B 116 -12.50 -29.44 -9.71
N PRO B 117 -12.59 -28.19 -10.19
CA PRO B 117 -12.51 -27.92 -11.63
C PRO B 117 -11.26 -28.55 -12.23
N ASN B 118 -11.45 -29.34 -13.28
CA ASN B 118 -10.34 -30.00 -13.94
C ASN B 118 -10.21 -29.50 -15.37
N LEU B 119 -9.10 -28.81 -15.66
CA LEU B 119 -8.85 -28.27 -17.00
C LEU B 119 -8.71 -29.40 -18.00
N ASP B 120 -9.40 -29.28 -19.13
CA ASP B 120 -9.36 -30.29 -20.17
C ASP B 120 -7.96 -30.52 -20.71
N ASP B 121 -7.68 -31.76 -21.10
CA ASP B 121 -6.38 -32.11 -21.66
C ASP B 121 -6.22 -31.42 -22.99
N TRP B 122 -4.99 -31.04 -23.32
CA TRP B 122 -4.70 -30.38 -24.58
C TRP B 122 -3.32 -30.79 -25.11
N GLN B 123 -3.07 -30.48 -26.38
CA GLN B 123 -1.80 -30.85 -27.02
C GLN B 123 -0.87 -29.68 -27.32
N SER B 124 0.38 -29.83 -26.89
CA SER B 124 1.41 -28.83 -27.12
C SER B 124 1.75 -28.80 -28.61
N GLU B 125 1.96 -27.60 -29.15
CA GLU B 125 2.29 -27.46 -30.56
C GLU B 125 3.61 -26.70 -30.71
N VAL B 126 3.90 -25.83 -29.75
CA VAL B 126 5.13 -25.04 -29.76
C VAL B 126 5.82 -25.15 -28.40
N GLU B 127 7.11 -25.46 -28.39
CA GLU B 127 7.84 -25.60 -27.13
C GLU B 127 9.24 -25.00 -27.17
N PHE B 128 9.63 -24.37 -26.07
CA PHE B 128 10.96 -23.78 -25.95
C PHE B 128 11.26 -23.50 -24.48
N THR B 129 12.53 -23.27 -24.20
CA THR B 129 12.98 -22.96 -22.85
C THR B 129 13.66 -21.60 -22.91
N LEU B 130 13.81 -20.96 -21.76
CA LEU B 130 14.47 -19.67 -21.69
C LEU B 130 14.66 -19.26 -20.25
N PRO B 131 15.62 -18.37 -19.99
CA PRO B 131 15.87 -17.91 -18.63
C PRO B 131 14.68 -17.14 -18.08
N GLN B 132 14.40 -17.29 -16.79
CA GLN B 132 13.29 -16.58 -16.16
C GLN B 132 13.49 -15.08 -16.35
N ALA B 133 14.74 -14.64 -16.23
CA ALA B 133 15.06 -13.23 -16.37
C ALA B 133 14.66 -12.68 -17.73
N THR B 134 14.72 -13.52 -18.75
CA THR B 134 14.38 -13.08 -20.10
C THR B 134 12.88 -12.89 -20.19
N MET B 135 12.13 -13.81 -19.60
CA MET B 135 10.68 -13.70 -19.61
C MET B 135 10.24 -12.46 -18.83
N LYS B 136 10.90 -12.21 -17.70
CA LYS B 136 10.56 -11.05 -16.89
C LYS B 136 10.78 -9.77 -17.68
N ARG B 137 11.91 -9.70 -18.37
CA ARG B 137 12.24 -8.52 -19.16
C ARG B 137 11.22 -8.31 -20.28
N LEU B 138 10.83 -9.41 -20.94
CA LEU B 138 9.86 -9.34 -22.04
C LEU B 138 8.51 -8.81 -21.55
N ILE B 139 8.07 -9.31 -20.40
CA ILE B 139 6.80 -8.87 -19.85
C ILE B 139 6.85 -7.45 -19.29
N GLU B 140 7.88 -7.14 -18.51
CA GLU B 140 7.98 -5.81 -17.93
C GLU B 140 8.12 -4.72 -18.99
N ALA B 141 8.73 -5.08 -20.11
CA ALA B 141 8.94 -4.12 -21.19
C ALA B 141 7.66 -3.70 -21.88
N THR B 142 6.63 -4.54 -21.82
CA THR B 142 5.38 -4.23 -22.52
C THR B 142 4.07 -4.26 -21.73
N GLN B 143 4.07 -4.87 -20.55
CA GLN B 143 2.85 -5.00 -19.76
C GLN B 143 2.00 -3.74 -19.57
N PHE B 144 2.63 -2.60 -19.33
CA PHE B 144 1.90 -1.37 -19.09
C PHE B 144 1.05 -0.89 -20.28
N SER B 145 1.33 -1.39 -21.48
CA SER B 145 0.57 -0.95 -22.65
C SER B 145 -0.65 -1.79 -22.98
N MET B 146 -0.94 -2.80 -22.16
CA MET B 146 -2.12 -3.64 -22.39
C MET B 146 -3.35 -2.80 -22.10
N ALA B 147 -4.45 -3.12 -22.78
CA ALA B 147 -5.71 -2.39 -22.57
C ALA B 147 -6.27 -2.74 -21.19
N HIS B 148 -7.22 -1.93 -20.74
CA HIS B 148 -7.85 -2.15 -19.45
C HIS B 148 -9.37 -2.29 -19.61
N GLN B 149 -9.86 -3.52 -19.56
CA GLN B 149 -11.27 -3.79 -19.69
C GLN B 149 -11.89 -3.28 -20.99
N ASP B 150 -11.12 -3.31 -22.07
CA ASP B 150 -11.60 -2.86 -23.37
C ASP B 150 -12.57 -3.92 -23.89
N VAL B 151 -13.55 -3.52 -24.70
CA VAL B 151 -14.50 -4.48 -25.25
C VAL B 151 -13.81 -5.35 -26.28
N ARG B 152 -12.67 -4.88 -26.76
CA ARG B 152 -11.85 -5.63 -27.71
C ARG B 152 -11.02 -6.50 -26.78
N TYR B 153 -11.68 -7.48 -26.18
CA TYR B 153 -11.07 -8.41 -25.23
C TYR B 153 -9.65 -8.85 -25.54
N TYR B 154 -9.35 -9.05 -26.83
CA TYR B 154 -8.02 -9.48 -27.22
C TYR B 154 -6.94 -8.47 -26.85
N LEU B 155 -7.32 -7.20 -26.71
CA LEU B 155 -6.33 -6.17 -26.35
C LEU B 155 -6.04 -6.11 -24.85
N ASN B 156 -6.89 -6.76 -24.05
CA ASN B 156 -6.71 -6.78 -22.60
C ASN B 156 -5.58 -7.72 -22.20
N GLY B 157 -5.06 -8.45 -23.17
CA GLY B 157 -3.98 -9.39 -22.90
C GLY B 157 -2.67 -9.00 -23.54
N MET B 158 -1.76 -9.98 -23.62
CA MET B 158 -0.44 -9.74 -24.20
C MET B 158 -0.14 -10.75 -25.27
N LEU B 159 0.30 -10.28 -26.43
CA LEU B 159 0.65 -11.18 -27.51
C LEU B 159 2.03 -11.76 -27.25
N PHE B 160 2.16 -13.08 -27.40
CA PHE B 160 3.44 -13.76 -27.26
C PHE B 160 3.69 -14.36 -28.62
N GLU B 161 4.76 -13.93 -29.27
CA GLU B 161 5.07 -14.42 -30.61
C GLU B 161 6.48 -14.99 -30.75
N THR B 162 6.57 -16.10 -31.47
CA THR B 162 7.84 -16.75 -31.72
C THR B 162 8.16 -16.54 -33.21
N GLU B 163 9.42 -16.20 -33.50
CA GLU B 163 9.84 -15.98 -34.87
C GLU B 163 11.35 -16.13 -34.92
N GLY B 164 11.83 -17.04 -35.76
CA GLY B 164 13.27 -17.27 -35.85
C GLY B 164 13.73 -17.83 -34.53
N GLU B 165 14.69 -17.16 -33.89
CA GLU B 165 15.20 -17.61 -32.60
C GLU B 165 14.80 -16.62 -31.51
N GLU B 166 13.79 -15.83 -31.80
CA GLU B 166 13.32 -14.83 -30.84
C GLU B 166 11.91 -15.03 -30.34
N LEU B 167 11.70 -14.62 -29.09
CA LEU B 167 10.39 -14.66 -28.47
C LEU B 167 10.08 -13.16 -28.31
N ARG B 168 8.88 -12.76 -28.68
CA ARG B 168 8.51 -11.37 -28.61
C ARG B 168 7.15 -11.17 -27.95
N THR B 169 7.01 -10.05 -27.23
CA THR B 169 5.74 -9.70 -26.60
C THR B 169 5.29 -8.38 -27.20
N VAL B 170 3.97 -8.23 -27.36
CA VAL B 170 3.40 -7.01 -27.89
C VAL B 170 2.17 -6.70 -27.05
N ALA B 171 2.00 -5.41 -26.74
CA ALA B 171 0.86 -4.99 -25.95
C ALA B 171 0.40 -3.64 -26.50
N THR B 172 -0.91 -3.46 -26.59
CA THR B 172 -1.44 -2.20 -27.10
C THR B 172 -2.88 -2.01 -26.67
N ASP B 173 -3.27 -0.74 -26.50
CA ASP B 173 -4.63 -0.42 -26.10
C ASP B 173 -5.29 0.41 -27.20
N GLY B 174 -4.64 0.44 -28.37
CA GLY B 174 -5.17 1.20 -29.49
C GLY B 174 -4.73 2.65 -29.52
N HIS B 175 -4.13 3.13 -28.44
CA HIS B 175 -3.65 4.50 -28.36
C HIS B 175 -2.13 4.51 -28.34
N ARG B 176 -1.54 3.47 -27.75
CA ARG B 176 -0.10 3.33 -27.68
C ARG B 176 0.27 1.84 -27.72
N LEU B 177 1.46 1.55 -28.24
CA LEU B 177 1.91 0.17 -28.37
C LEU B 177 3.31 -0.03 -27.82
N ALA B 178 3.59 -1.24 -27.34
CA ALA B 178 4.89 -1.58 -26.80
C ALA B 178 5.26 -2.94 -27.40
N VAL B 179 6.50 -3.09 -27.86
CA VAL B 179 6.94 -4.36 -28.43
C VAL B 179 8.38 -4.65 -27.98
N CYS B 180 8.63 -5.89 -27.55
CA CYS B 180 9.95 -6.28 -27.09
C CYS B 180 10.32 -7.66 -27.61
N SER B 181 11.55 -7.82 -28.09
CA SER B 181 12.01 -9.09 -28.62
C SER B 181 13.33 -9.51 -27.99
N MET B 182 13.46 -10.79 -27.68
CA MET B 182 14.68 -11.33 -27.06
C MET B 182 15.09 -12.67 -27.66
N PRO B 183 16.40 -12.88 -27.88
CA PRO B 183 16.89 -14.14 -28.45
C PRO B 183 16.91 -15.24 -27.39
N ILE B 184 16.51 -16.45 -27.75
CA ILE B 184 16.52 -17.54 -26.79
C ILE B 184 17.32 -18.78 -27.26
N GLY B 185 18.18 -18.58 -28.26
CA GLY B 185 19.01 -19.65 -28.77
C GLY B 185 18.38 -20.96 -29.22
N GLN B 186 17.23 -20.87 -29.88
CA GLN B 186 16.53 -22.07 -30.37
C GLN B 186 15.74 -21.71 -31.62
N SER B 187 15.76 -22.60 -32.61
CA SER B 187 15.00 -22.35 -33.84
C SER B 187 13.53 -22.63 -33.56
N LEU B 188 12.69 -21.62 -33.75
CA LEU B 188 11.26 -21.78 -33.50
C LEU B 188 10.40 -21.52 -34.72
N PRO B 189 9.15 -22.01 -34.70
CA PRO B 189 8.20 -21.82 -35.80
C PRO B 189 7.58 -20.45 -35.61
N SER B 190 7.02 -19.88 -36.68
CA SER B 190 6.38 -18.57 -36.59
C SER B 190 4.98 -18.81 -36.03
N HIS B 191 4.76 -18.34 -34.81
CA HIS B 191 3.47 -18.53 -34.14
C HIS B 191 3.20 -17.40 -33.16
N SER B 192 1.93 -17.11 -32.91
CA SER B 192 1.61 -16.05 -31.95
C SER B 192 0.29 -16.36 -31.23
N VAL B 193 0.27 -16.08 -29.93
CA VAL B 193 -0.93 -16.29 -29.12
C VAL B 193 -1.13 -15.12 -28.18
N ILE B 194 -2.35 -14.99 -27.66
CA ILE B 194 -2.65 -13.91 -26.73
C ILE B 194 -2.89 -14.50 -25.34
N VAL B 195 -2.09 -14.05 -24.39
CA VAL B 195 -2.22 -14.52 -23.01
C VAL B 195 -3.06 -13.49 -22.25
N PRO B 196 -4.12 -13.94 -21.54
CA PRO B 196 -4.98 -13.03 -20.78
C PRO B 196 -4.24 -12.18 -19.76
N ARG B 197 -4.77 -11.00 -19.47
CA ARG B 197 -4.14 -10.11 -18.50
C ARG B 197 -3.81 -10.84 -17.20
N LYS B 198 -4.79 -11.57 -16.66
CA LYS B 198 -4.59 -12.30 -15.42
C LYS B 198 -3.48 -13.34 -15.56
N GLY B 199 -3.38 -13.94 -16.74
CA GLY B 199 -2.37 -14.95 -16.98
C GLY B 199 -0.98 -14.33 -16.97
N VAL B 200 -0.86 -13.14 -17.56
CA VAL B 200 0.42 -12.45 -17.59
C VAL B 200 0.87 -12.13 -16.15
N ILE B 201 -0.05 -11.62 -15.35
CA ILE B 201 0.26 -11.31 -13.95
C ILE B 201 0.76 -12.55 -13.22
N GLU B 202 0.03 -13.65 -13.40
CA GLU B 202 0.38 -14.89 -12.75
C GLU B 202 1.73 -15.42 -13.21
N LEU B 203 2.01 -15.27 -14.50
CA LEU B 203 3.28 -15.74 -15.06
C LEU B 203 4.43 -14.99 -14.40
N MET B 204 4.30 -13.67 -14.32
CA MET B 204 5.32 -12.83 -13.72
C MET B 204 5.53 -13.21 -12.24
N ARG B 205 4.43 -13.51 -11.56
CA ARG B 205 4.48 -13.86 -10.15
C ARG B 205 5.21 -15.17 -9.85
N MET B 206 5.27 -16.08 -10.83
CA MET B 206 5.94 -17.35 -10.59
C MET B 206 7.45 -17.26 -10.80
N LEU B 207 7.91 -16.16 -11.40
CA LEU B 207 9.34 -15.98 -11.65
C LEU B 207 10.04 -15.38 -10.44
N ASP B 208 10.96 -16.13 -9.84
CA ASP B 208 11.70 -15.66 -8.68
C ASP B 208 13.01 -15.00 -9.10
N GLY B 209 13.65 -15.56 -10.12
CA GLY B 209 14.89 -14.99 -10.60
C GLY B 209 16.02 -16.00 -10.72
N GLY B 210 15.97 -17.04 -9.89
CA GLY B 210 16.99 -18.07 -9.91
C GLY B 210 17.30 -18.56 -11.31
N ASP B 211 18.49 -19.11 -11.50
CA ASP B 211 18.91 -19.62 -12.80
C ASP B 211 18.02 -20.76 -13.27
N ASN B 212 16.97 -21.05 -12.50
CA ASN B 212 16.05 -22.11 -12.84
C ASN B 212 15.40 -21.77 -14.18
N PRO B 213 15.66 -22.58 -15.22
CA PRO B 213 15.09 -22.35 -16.55
C PRO B 213 13.57 -22.46 -16.61
N LEU B 214 12.98 -21.72 -17.53
CA LEU B 214 11.53 -21.73 -17.72
C LEU B 214 11.20 -22.52 -18.97
N ARG B 215 10.33 -23.51 -18.83
CA ARG B 215 9.92 -24.35 -19.96
C ARG B 215 8.50 -23.95 -20.37
N VAL B 216 8.36 -23.54 -21.62
CA VAL B 216 7.07 -23.11 -22.15
C VAL B 216 6.52 -24.04 -23.22
N GLN B 217 5.23 -24.33 -23.13
CA GLN B 217 4.54 -25.17 -24.11
C GLN B 217 3.28 -24.41 -24.52
N ILE B 218 3.07 -24.26 -25.82
CA ILE B 218 1.90 -23.54 -26.32
C ILE B 218 1.02 -24.40 -27.20
N GLY B 219 -0.26 -24.44 -26.87
CA GLY B 219 -1.22 -25.22 -27.64
C GLY B 219 -2.16 -24.29 -28.40
N SER B 220 -3.18 -24.86 -29.03
CA SER B 220 -4.14 -24.07 -29.79
C SER B 220 -4.91 -23.08 -28.93
N ASN B 221 -5.19 -23.48 -27.69
CA ASN B 221 -5.93 -22.61 -26.79
C ASN B 221 -5.37 -22.57 -25.38
N ASN B 222 -4.11 -22.94 -25.22
CA ASN B 222 -3.48 -22.95 -23.91
C ASN B 222 -1.99 -22.70 -23.93
N ILE B 223 -1.48 -22.21 -22.80
CA ILE B 223 -0.06 -21.98 -22.65
C ILE B 223 0.28 -22.53 -21.27
N ARG B 224 1.44 -23.18 -21.17
CA ARG B 224 1.90 -23.75 -19.92
C ARG B 224 3.34 -23.36 -19.70
N ALA B 225 3.64 -22.97 -18.46
CA ALA B 225 5.00 -22.58 -18.09
C ALA B 225 5.38 -23.43 -16.89
N HIS B 226 6.54 -24.06 -16.97
CA HIS B 226 7.01 -24.91 -15.90
C HIS B 226 8.33 -24.36 -15.37
N VAL B 227 8.40 -24.14 -14.06
CA VAL B 227 9.62 -23.64 -13.43
C VAL B 227 9.81 -24.46 -12.16
N GLY B 228 10.96 -25.11 -12.03
CA GLY B 228 11.19 -25.92 -10.86
C GLY B 228 10.05 -26.91 -10.72
N ASP B 229 9.45 -26.98 -9.53
CA ASP B 229 8.34 -27.90 -9.29
C ASP B 229 6.99 -27.19 -9.35
N PHE B 230 6.92 -26.13 -10.16
CA PHE B 230 5.70 -25.35 -10.33
C PHE B 230 5.28 -25.39 -11.79
N ILE B 231 3.99 -25.62 -12.03
CA ILE B 231 3.46 -25.66 -13.38
C ILE B 231 2.24 -24.76 -13.47
N PHE B 232 2.33 -23.76 -14.34
CA PHE B 232 1.25 -22.80 -14.54
C PHE B 232 0.61 -23.02 -15.89
N THR B 233 -0.73 -23.07 -15.92
CA THR B 233 -1.43 -23.25 -17.18
C THR B 233 -2.55 -22.23 -17.34
N SER B 234 -2.68 -21.68 -18.53
CA SER B 234 -3.72 -20.69 -18.77
C SER B 234 -4.34 -20.83 -20.14
N LYS B 235 -5.62 -20.49 -20.23
CA LYS B 235 -6.31 -20.52 -21.50
C LYS B 235 -5.83 -19.28 -22.25
N LEU B 236 -5.96 -19.31 -23.57
CA LEU B 236 -5.53 -18.18 -24.39
C LEU B 236 -6.77 -17.39 -24.79
N VAL B 237 -6.56 -16.16 -25.26
CA VAL B 237 -7.67 -15.32 -25.69
C VAL B 237 -7.85 -15.50 -27.20
N ASP B 238 -9.08 -15.76 -27.64
CA ASP B 238 -9.33 -15.96 -29.07
C ASP B 238 -9.73 -14.67 -29.77
N GLY B 239 -8.82 -14.12 -30.57
CA GLY B 239 -9.10 -12.90 -31.29
C GLY B 239 -7.97 -12.53 -32.25
N ARG B 240 -8.17 -11.49 -33.03
CA ARG B 240 -7.17 -11.03 -33.99
C ARG B 240 -6.35 -9.87 -33.45
N PHE B 241 -5.16 -10.18 -32.93
CA PHE B 241 -4.30 -9.14 -32.36
C PHE B 241 -3.65 -8.35 -33.51
N PRO B 242 -3.57 -7.01 -33.36
CA PRO B 242 -2.96 -6.17 -34.39
C PRO B 242 -1.48 -6.45 -34.66
N ASP B 243 -1.05 -6.11 -35.87
CA ASP B 243 0.33 -6.34 -36.32
C ASP B 243 1.19 -5.12 -35.98
N TYR B 244 2.15 -5.29 -35.07
CA TYR B 244 3.02 -4.19 -34.68
C TYR B 244 3.84 -3.66 -35.84
N ARG B 245 4.11 -4.52 -36.81
CA ARG B 245 4.90 -4.15 -37.98
C ARG B 245 4.23 -3.04 -38.77
N ARG B 246 2.91 -3.01 -38.73
CA ARG B 246 2.18 -1.98 -39.46
C ARG B 246 1.95 -0.73 -38.62
N VAL B 247 2.41 -0.76 -37.38
CA VAL B 247 2.26 0.38 -36.47
C VAL B 247 3.58 1.15 -36.34
N LEU B 248 4.69 0.44 -36.40
CA LEU B 248 5.98 1.07 -36.30
C LEU B 248 6.22 1.98 -37.50
N PRO B 249 6.61 3.24 -37.24
CA PRO B 249 6.87 4.15 -38.35
C PRO B 249 7.92 3.61 -39.32
N LYS B 250 7.76 3.94 -40.60
CA LYS B 250 8.69 3.49 -41.62
C LYS B 250 9.71 4.58 -41.89
N ASN B 251 10.98 4.28 -41.62
CA ASN B 251 12.07 5.22 -41.80
C ASN B 251 11.76 6.64 -41.33
N PRO B 252 11.32 6.80 -40.06
CA PRO B 252 11.00 8.12 -39.52
C PRO B 252 12.24 8.99 -39.72
N ASP B 253 12.08 10.20 -40.24
CA ASP B 253 13.24 11.05 -40.54
C ASP B 253 13.73 12.02 -39.49
N LYS B 254 12.94 12.29 -38.46
CA LYS B 254 13.34 13.23 -37.42
C LYS B 254 13.68 12.46 -36.15
N HIS B 255 14.95 12.51 -35.76
CA HIS B 255 15.43 11.79 -34.58
C HIS B 255 15.93 12.76 -33.51
N LEU B 256 15.39 12.62 -32.31
CA LEU B 256 15.79 13.46 -31.19
C LEU B 256 16.33 12.55 -30.09
N GLU B 257 17.44 12.95 -29.48
CA GLU B 257 17.99 12.15 -28.40
C GLU B 257 18.20 13.01 -27.16
N ALA B 258 17.88 12.45 -25.99
CA ALA B 258 18.04 13.16 -24.74
C ALA B 258 18.20 12.20 -23.56
N GLY B 259 18.74 12.70 -22.45
CA GLY B 259 18.89 11.86 -21.28
C GLY B 259 17.51 11.44 -20.78
N CYS B 260 17.35 10.16 -20.46
CA CYS B 260 16.04 9.69 -19.99
C CYS B 260 15.52 10.39 -18.75
N ASP B 261 16.35 10.48 -17.71
CA ASP B 261 15.91 11.13 -16.48
C ASP B 261 15.46 12.57 -16.69
N LEU B 262 16.29 13.35 -17.37
CA LEU B 262 15.97 14.74 -17.62
C LEU B 262 14.69 14.90 -18.42
N LEU B 263 14.53 14.08 -19.45
CA LEU B 263 13.33 14.16 -20.28
C LEU B 263 12.10 13.79 -19.43
N LYS B 264 12.23 12.70 -18.67
CA LYS B 264 11.15 12.22 -17.84
C LYS B 264 10.71 13.24 -16.78
N GLN B 265 11.67 13.82 -16.07
CA GLN B 265 11.31 14.79 -15.05
C GLN B 265 10.69 16.04 -15.65
N ALA B 266 11.11 16.41 -16.86
CA ALA B 266 10.54 17.59 -17.53
C ALA B 266 9.08 17.31 -17.85
N PHE B 267 8.80 16.16 -18.46
CA PHE B 267 7.42 15.79 -18.78
C PHE B 267 6.60 15.63 -17.49
N ALA B 268 7.22 15.06 -16.45
CA ALA B 268 6.52 14.86 -15.18
C ALA B 268 6.08 16.20 -14.57
N ARG B 269 6.97 17.20 -14.61
CA ARG B 269 6.60 18.51 -14.05
C ARG B 269 5.54 19.20 -14.91
N ALA B 270 5.71 19.16 -16.22
CA ALA B 270 4.74 19.79 -17.11
C ALA B 270 3.36 19.17 -16.94
N ALA B 271 3.33 17.85 -16.75
CA ALA B 271 2.08 17.09 -16.60
C ALA B 271 1.19 17.59 -15.46
N ILE B 272 1.82 18.16 -14.43
CA ILE B 272 1.07 18.67 -13.28
C ILE B 272 0.03 19.71 -13.73
N LEU B 273 0.38 20.50 -14.73
CA LEU B 273 -0.55 21.53 -15.21
C LEU B 273 -1.25 21.19 -16.53
N SER B 274 -1.33 19.90 -16.84
CA SER B 274 -2.00 19.47 -18.06
C SER B 274 -3.46 19.15 -17.71
N ASN B 275 -4.31 19.05 -18.72
CA ASN B 275 -5.72 18.75 -18.50
C ASN B 275 -5.81 17.44 -17.71
N GLU B 276 -6.57 17.44 -16.62
CA GLU B 276 -6.66 16.26 -15.77
C GLU B 276 -7.21 14.98 -16.42
N LYS B 277 -8.06 15.11 -17.42
CA LYS B 277 -8.59 13.93 -18.08
C LYS B 277 -7.90 13.64 -19.41
N PHE B 278 -7.62 14.69 -20.17
CA PHE B 278 -6.99 14.54 -21.48
C PHE B 278 -5.46 14.50 -21.46
N ARG B 279 -4.86 15.13 -20.45
CA ARG B 279 -3.42 15.11 -20.25
C ARG B 279 -2.53 15.54 -21.41
N GLY B 280 -3.00 16.49 -22.21
CA GLY B 280 -2.18 16.92 -23.33
C GLY B 280 -1.05 17.89 -23.04
N VAL B 281 0.08 17.66 -23.70
CA VAL B 281 1.25 18.52 -23.60
C VAL B 281 1.71 18.74 -25.03
N ARG B 282 2.38 19.87 -25.27
CA ARG B 282 2.86 20.18 -26.61
C ARG B 282 4.38 20.14 -26.60
N LEU B 283 4.95 19.57 -27.67
CA LEU B 283 6.40 19.50 -27.81
C LEU B 283 6.81 20.40 -28.96
N TYR B 284 7.84 21.22 -28.76
CA TYR B 284 8.34 22.10 -29.80
C TYR B 284 9.80 21.73 -30.01
N VAL B 285 10.13 21.12 -31.14
CA VAL B 285 11.51 20.74 -31.40
C VAL B 285 12.22 21.72 -32.30
N SER B 286 13.46 22.04 -31.95
CA SER B 286 14.27 22.96 -32.75
C SER B 286 15.73 22.55 -32.56
N GLU B 287 16.64 23.21 -33.27
CA GLU B 287 18.05 22.85 -33.17
C GLU B 287 18.54 22.60 -31.75
N ASN B 288 18.83 21.34 -31.46
CA ASN B 288 19.31 20.90 -30.16
C ASN B 288 18.51 21.42 -28.97
N GLN B 289 17.21 21.57 -29.16
CA GLN B 289 16.39 22.06 -28.08
C GLN B 289 14.99 21.49 -28.14
N LEU B 290 14.43 21.25 -26.95
CA LEU B 290 13.07 20.76 -26.85
C LEU B 290 12.34 21.62 -25.84
N LYS B 291 11.16 22.10 -26.21
CA LYS B 291 10.35 22.89 -25.29
C LYS B 291 9.06 22.12 -25.11
N ILE B 292 8.67 21.90 -23.86
CA ILE B 292 7.46 21.18 -23.53
C ILE B 292 6.55 22.16 -22.81
N THR B 293 5.31 22.28 -23.26
CA THR B 293 4.37 23.17 -22.61
C THR B 293 3.11 22.41 -22.27
N ALA B 294 2.39 22.93 -21.28
CA ALA B 294 1.14 22.33 -20.85
C ALA B 294 0.26 23.41 -20.24
N ASN B 295 -1.04 23.28 -20.44
CA ASN B 295 -1.97 24.24 -19.84
C ASN B 295 -3.24 23.47 -19.57
N ASN B 296 -4.03 23.96 -18.62
CA ASN B 296 -5.29 23.31 -18.28
C ASN B 296 -6.43 24.30 -18.41
N PRO B 297 -7.68 23.84 -18.22
CA PRO B 297 -8.86 24.70 -18.32
C PRO B 297 -8.78 26.03 -17.57
N GLU B 298 -8.22 26.03 -16.36
CA GLU B 298 -8.11 27.28 -15.60
C GLU B 298 -6.91 28.12 -15.98
N GLN B 299 -6.44 27.93 -17.22
CA GLN B 299 -5.32 28.69 -17.75
C GLN B 299 -3.99 28.65 -17.01
N GLU B 300 -3.74 27.59 -16.24
CA GLU B 300 -2.45 27.48 -15.56
C GLU B 300 -1.49 26.96 -16.63
N GLU B 301 -0.22 27.33 -16.56
CA GLU B 301 0.73 26.95 -17.59
C GLU B 301 2.09 26.50 -17.08
N ALA B 302 2.66 25.52 -17.77
CA ALA B 302 3.99 24.99 -17.45
C ALA B 302 4.83 25.04 -18.72
N GLU B 303 6.11 25.33 -18.55
CA GLU B 303 7.02 25.35 -19.67
C GLU B 303 8.35 24.78 -19.21
N GLU B 304 8.87 23.83 -19.98
CA GLU B 304 10.16 23.21 -19.69
C GLU B 304 11.04 23.33 -20.94
N ILE B 305 12.29 23.73 -20.75
CA ILE B 305 13.20 23.82 -21.88
C ILE B 305 14.36 22.89 -21.56
N LEU B 306 14.72 22.04 -22.52
CA LEU B 306 15.79 21.06 -22.33
C LEU B 306 16.76 21.07 -23.49
N ASP B 307 18.01 20.74 -23.20
CA ASP B 307 19.00 20.63 -24.26
C ASP B 307 18.88 19.18 -24.75
N VAL B 308 18.85 19.00 -26.07
CA VAL B 308 18.76 17.66 -26.63
C VAL B 308 19.63 17.65 -27.88
N THR B 309 19.71 16.50 -28.53
CA THR B 309 20.47 16.39 -29.78
C THR B 309 19.41 16.24 -30.85
N TYR B 310 19.30 17.25 -31.71
CA TYR B 310 18.30 17.26 -32.78
C TYR B 310 18.69 18.26 -33.86
N SER B 311 18.66 17.81 -35.11
CA SER B 311 19.00 18.70 -36.23
C SER B 311 17.94 18.66 -37.31
N GLY B 312 16.78 18.14 -36.98
CA GLY B 312 15.69 18.07 -37.94
C GLY B 312 14.96 19.40 -38.05
N ALA B 313 13.97 19.48 -38.93
CA ALA B 313 13.21 20.71 -39.11
C ALA B 313 12.42 21.03 -37.85
N GLU B 314 12.11 22.31 -37.66
CA GLU B 314 11.34 22.69 -36.49
C GLU B 314 9.94 22.13 -36.65
N MET B 315 9.33 21.72 -35.55
CA MET B 315 8.00 21.15 -35.61
C MET B 315 7.36 21.13 -34.23
N GLU B 316 6.02 21.18 -34.24
CA GLU B 316 5.25 21.15 -33.01
C GLU B 316 4.34 19.94 -33.07
N ILE B 317 4.16 19.27 -31.94
CA ILE B 317 3.32 18.09 -31.93
C ILE B 317 2.82 17.84 -30.51
N GLY B 318 1.59 17.33 -30.40
CA GLY B 318 1.01 17.08 -29.09
C GLY B 318 0.90 15.60 -28.77
N PHE B 319 0.92 15.29 -27.47
CA PHE B 319 0.82 13.91 -26.99
C PHE B 319 0.19 13.86 -25.61
N ASN B 320 -0.42 12.72 -25.29
CA ASN B 320 -0.99 12.49 -23.96
C ASN B 320 0.27 12.25 -23.14
N VAL B 321 0.54 13.11 -22.16
CA VAL B 321 1.77 12.98 -21.38
C VAL B 321 1.86 11.71 -20.54
N SER B 322 0.71 11.13 -20.18
CA SER B 322 0.71 9.91 -19.41
C SER B 322 1.32 8.78 -20.22
N TYR B 323 1.00 8.74 -21.51
CA TYR B 323 1.52 7.70 -22.40
C TYR B 323 3.03 7.85 -22.54
N VAL B 324 3.48 9.10 -22.64
CA VAL B 324 4.91 9.36 -22.77
C VAL B 324 5.65 8.96 -21.49
N LEU B 325 5.13 9.39 -20.35
CA LEU B 325 5.73 9.04 -19.06
C LEU B 325 5.73 7.53 -18.84
N ASP B 326 4.67 6.85 -19.28
CA ASP B 326 4.62 5.40 -19.11
C ASP B 326 5.82 4.75 -19.81
N VAL B 327 6.12 5.23 -21.01
CA VAL B 327 7.24 4.70 -21.76
C VAL B 327 8.58 5.04 -21.09
N LEU B 328 8.75 6.29 -20.69
CA LEU B 328 10.00 6.69 -20.04
C LEU B 328 10.23 5.97 -18.73
N ASN B 329 9.14 5.62 -18.04
CA ASN B 329 9.22 4.90 -16.78
C ASN B 329 9.53 3.43 -17.01
N ALA B 330 9.15 2.91 -18.18
CA ALA B 330 9.38 1.51 -18.50
C ALA B 330 10.84 1.30 -18.92
N LEU B 331 11.43 2.34 -19.50
CA LEU B 331 12.83 2.29 -19.92
C LEU B 331 13.69 2.67 -18.71
N LYS B 332 14.77 1.93 -18.48
CA LYS B 332 15.65 2.23 -17.35
C LYS B 332 17.05 2.51 -17.89
N CYS B 333 17.10 3.05 -19.10
CA CYS B 333 18.37 3.35 -19.75
C CYS B 333 18.81 4.79 -19.54
N GLU B 334 20.03 5.09 -19.99
CA GLU B 334 20.59 6.43 -19.84
C GLU B 334 20.04 7.47 -20.81
N ASN B 335 19.96 7.11 -22.08
CA ASN B 335 19.48 8.03 -23.11
C ASN B 335 18.36 7.44 -23.93
N VAL B 336 17.45 8.31 -24.34
CA VAL B 336 16.29 7.92 -25.12
C VAL B 336 16.26 8.60 -26.48
N ARG B 337 15.69 7.92 -27.45
CA ARG B 337 15.57 8.48 -28.79
C ARG B 337 14.10 8.51 -29.16
N MET B 338 13.65 9.66 -29.67
CA MET B 338 12.28 9.81 -30.11
C MET B 338 12.36 10.02 -31.62
N MET B 339 11.58 9.26 -32.37
CA MET B 339 11.61 9.39 -33.81
C MET B 339 10.24 9.82 -34.31
N LEU B 340 10.24 10.89 -35.11
CA LEU B 340 9.02 11.48 -35.64
C LEU B 340 9.05 11.62 -37.16
N THR B 341 7.87 11.81 -37.75
CA THR B 341 7.77 12.02 -39.19
C THR B 341 7.10 13.37 -39.43
N ASP B 342 5.90 13.55 -38.88
CA ASP B 342 5.19 14.82 -39.00
C ASP B 342 4.24 15.06 -37.82
N SER B 343 3.55 16.20 -37.86
CA SER B 343 2.63 16.62 -36.80
C SER B 343 1.36 15.79 -36.59
N VAL B 344 1.01 14.95 -37.56
CA VAL B 344 -0.20 14.15 -37.43
C VAL B 344 0.09 12.66 -37.43
N SER B 345 1.33 12.32 -37.11
CA SER B 345 1.72 10.92 -37.08
C SER B 345 2.30 10.55 -35.72
N SER B 346 2.34 9.26 -35.44
CA SER B 346 2.84 8.74 -34.18
C SER B 346 4.35 8.93 -33.99
N VAL B 347 4.77 8.85 -32.73
CA VAL B 347 6.17 8.96 -32.40
C VAL B 347 6.65 7.59 -31.93
N GLN B 348 7.90 7.25 -32.25
CA GLN B 348 8.46 5.99 -31.78
C GLN B 348 9.47 6.40 -30.72
N ILE B 349 9.46 5.71 -29.59
CA ILE B 349 10.37 6.02 -28.48
C ILE B 349 11.14 4.75 -28.17
N GLU B 350 12.43 4.88 -27.93
CA GLU B 350 13.25 3.70 -27.67
C GLU B 350 14.53 4.08 -26.95
N ASP B 351 15.21 3.07 -26.41
CA ASP B 351 16.49 3.27 -25.74
C ASP B 351 17.41 3.64 -26.90
N ALA B 352 18.16 4.74 -26.75
CA ALA B 352 19.05 5.17 -27.82
C ALA B 352 20.12 4.12 -28.11
N ALA B 353 20.39 3.29 -27.12
CA ALA B 353 21.43 2.27 -27.25
C ALA B 353 20.95 0.84 -27.43
N SER B 354 19.65 0.64 -27.58
CA SER B 354 19.14 -0.71 -27.77
C SER B 354 17.81 -0.75 -28.52
N GLN B 355 17.75 -1.60 -29.55
CA GLN B 355 16.53 -1.74 -30.34
C GLN B 355 15.75 -2.98 -29.93
N SER B 356 16.01 -3.49 -28.72
CA SER B 356 15.31 -4.68 -28.24
C SER B 356 13.83 -4.39 -28.03
N ALA B 357 13.51 -3.15 -27.70
CA ALA B 357 12.12 -2.76 -27.46
C ALA B 357 11.81 -1.48 -28.21
N ALA B 358 10.55 -1.32 -28.58
CA ALA B 358 10.13 -0.12 -29.27
C ALA B 358 8.73 0.26 -28.76
N TYR B 359 8.49 1.55 -28.66
CA TYR B 359 7.20 2.04 -28.20
C TYR B 359 6.68 3.06 -29.19
N VAL B 360 5.38 3.00 -29.46
CA VAL B 360 4.78 3.92 -30.41
C VAL B 360 3.58 4.56 -29.73
N VAL B 361 3.49 5.88 -29.84
CA VAL B 361 2.41 6.62 -29.22
C VAL B 361 1.72 7.50 -30.25
N MET B 362 0.40 7.42 -30.31
CA MET B 362 -0.37 8.22 -31.25
C MET B 362 -0.33 9.67 -30.83
N PRO B 363 -0.32 10.59 -31.81
CA PRO B 363 -0.29 12.03 -31.53
C PRO B 363 -1.65 12.48 -31.02
N MET B 364 -1.70 13.70 -30.50
CA MET B 364 -2.93 14.26 -29.95
C MET B 364 -3.17 15.65 -30.57
N ARG B 365 -4.38 15.89 -31.05
CA ARG B 365 -4.73 17.17 -31.66
C ARG B 365 -4.52 18.36 -30.74
N LEU B 366 -3.99 19.44 -31.31
CA LEU B 366 -3.72 20.68 -30.58
C LEU B 366 -4.58 20.90 -29.34
#